data_4N63
#
_entry.id   4N63
#
_cell.length_a   153.608
_cell.length_b   153.608
_cell.length_c   153.608
_cell.angle_alpha   90.00
_cell.angle_beta   90.00
_cell.angle_gamma   90.00
#
_symmetry.space_group_name_H-M   'P 21 3'
#
loop_
_entity.id
_entity.type
_entity.pdbx_description
1 polymer 'Hemagglutinin HA1'
2 polymer 'Hemagglutinin HA2'
3 branched 2-acetamido-2-deoxy-beta-D-glucopyranose-(1-4)-2-acetamido-2-deoxy-beta-D-glucopyranose
4 branched 'N-acetyl-alpha-neuraminic acid-(2-3)-beta-D-galactopyranose-(1-4)-2-acetamido-2-deoxy-beta-D-glucopyranose-(1-3)-2-acetamido-2-deoxy-beta-D-galactopyranose'
5 non-polymer 2-acetamido-2-deoxy-beta-D-glucopyranose
6 water water
#
loop_
_entity_poly.entity_id
_entity_poly.type
_entity_poly.pdbx_seq_one_letter_code
_entity_poly.pdbx_strand_id
1 'polypeptide(L)'
;DKICLGHHAVSNGTKVNTLTERGVEVVNATETVERTNIPRICSKGKRTVDLGQCGLLGTITGPPQCDQFLEFSADLIIER
REGSDVCYPGKFVNEEALRQILRESGGIDKEAMGFTYSGIRTNGATSACRRSGSSFYAEMKWLLSNTDNAAFPQMTKSYK
NTRKSPALIVWGIHHSVSTAEQTKLYGSGNKLVTVGSSNYQQSFVPSPGARPQVNGLSGRIDFHWLMLNPNDTVTFSFNG
AFIAPDRASFLRGKSMGIQSGVQVDANCEGDCYHSGGTIISNLPFQNIDSRAVGKCPRYVKQRSLLLATGMKNVPEIPKG
R
;
A,C
2 'polypeptide(L)'
;GLFGAIAGFIENGWEGLIDGWYGFRHQNAQGEGTAADYKSTQSAIDQITGKLNRLIEKTNQQFELIDNEFNEVEKQIGNV
INWTRDSITEVWSYNAELLVAMENQHTIDLADSEMDKLYERVKRQLRENAEEDGTGCFEIFHKCDDDCMASIRNNTYDHS
KYREEAMQNRIQIDPVSGRLVPR
;
B,D
#
# COMPACT_ATOMS: atom_id res chain seq x y z
N ASP A 1 -44.56 -30.99 1.88
CA ASP A 1 -45.41 -30.16 1.04
C ASP A 1 -44.62 -29.47 -0.07
N LYS A 2 -43.43 -28.97 0.27
CA LYS A 2 -42.62 -28.23 -0.68
C LYS A 2 -41.12 -28.33 -0.39
N ILE A 3 -40.32 -28.52 -1.43
CA ILE A 3 -38.87 -28.49 -1.30
C ILE A 3 -38.26 -27.51 -2.31
N CYS A 4 -37.34 -26.68 -1.83
CA CYS A 4 -36.73 -25.65 -2.66
C CYS A 4 -35.22 -25.84 -2.81
N LEU A 5 -34.73 -25.57 -4.02
CA LEU A 5 -33.30 -25.62 -4.29
C LEU A 5 -32.74 -24.21 -4.27
N GLY A 6 -31.59 -24.03 -3.62
CA GLY A 6 -31.00 -22.71 -3.52
C GLY A 6 -29.50 -22.70 -3.44
N HIS A 7 -28.96 -21.50 -3.25
CA HIS A 7 -27.53 -21.29 -3.15
C HIS A 7 -27.25 -20.24 -2.08
N HIS A 8 -26.05 -20.25 -1.52
CA HIS A 8 -25.75 -19.31 -0.45
C HIS A 8 -25.55 -17.89 -0.97
N ALA A 9 -25.52 -16.94 -0.05
CA ALA A 9 -25.35 -15.53 -0.40
C ALA A 9 -24.87 -14.75 0.81
N VAL A 10 -24.43 -13.51 0.60
CA VAL A 10 -23.96 -12.67 1.69
C VAL A 10 -24.47 -11.25 1.53
N SER A 11 -24.40 -10.47 2.61
CA SER A 11 -24.68 -9.05 2.55
C SER A 11 -23.35 -8.35 2.36
N ASN A 12 -22.29 -9.13 2.44
CA ASN A 12 -20.93 -8.64 2.38
C ASN A 12 -20.30 -8.98 1.03
N GLY A 13 -20.99 -8.62 -0.04
CA GLY A 13 -20.57 -8.96 -1.39
C GLY A 13 -19.42 -8.12 -1.90
N THR A 14 -18.57 -8.72 -2.74
CA THR A 14 -17.42 -8.02 -3.29
C THR A 14 -17.46 -7.98 -4.82
N LYS A 15 -17.22 -6.78 -5.37
CA LYS A 15 -17.36 -6.55 -6.80
C LYS A 15 -16.16 -7.04 -7.61
N VAL A 16 -16.44 -7.66 -8.76
CA VAL A 16 -15.40 -8.05 -9.70
C VAL A 16 -15.82 -7.63 -11.11
N ASN A 17 -14.97 -7.91 -12.09
CA ASN A 17 -15.28 -7.59 -13.47
C ASN A 17 -15.32 -8.84 -14.34
N THR A 18 -16.13 -8.80 -15.38
CA THR A 18 -16.26 -9.91 -16.32
C THR A 18 -16.15 -9.39 -17.75
N LEU A 19 -16.57 -10.21 -18.72
CA LEU A 19 -16.57 -9.81 -20.11
C LEU A 19 -17.65 -8.77 -20.38
N THR A 20 -18.75 -8.85 -19.63
CA THR A 20 -19.92 -8.01 -19.88
C THR A 20 -20.10 -6.93 -18.83
N GLU A 21 -19.98 -7.31 -17.55
CA GLU A 21 -20.30 -6.38 -16.47
C GLU A 21 -19.05 -5.76 -15.84
N ARG A 22 -19.24 -4.57 -15.28
CA ARG A 22 -18.19 -3.91 -14.50
C ARG A 22 -18.74 -3.66 -13.09
N GLY A 23 -18.25 -4.43 -12.13
CA GLY A 23 -18.68 -4.27 -10.75
C GLY A 23 -19.77 -5.25 -10.35
N VAL A 24 -19.78 -6.43 -10.98
CA VAL A 24 -20.72 -7.48 -10.60
C VAL A 24 -20.30 -8.13 -9.28
N GLU A 25 -21.22 -8.16 -8.32
CA GLU A 25 -20.91 -8.70 -7.01
C GLU A 25 -20.86 -10.22 -7.04
N VAL A 26 -19.80 -10.79 -6.48
CA VAL A 26 -19.73 -12.23 -6.28
C VAL A 26 -19.62 -12.48 -4.78
N VAL A 27 -19.75 -13.75 -4.37
CA VAL A 27 -19.73 -14.09 -2.96
C VAL A 27 -18.35 -13.87 -2.36
N ASN A 28 -17.32 -14.24 -3.12
CA ASN A 28 -15.95 -14.20 -2.61
C ASN A 28 -14.94 -14.07 -3.74
N ALA A 29 -13.93 -13.22 -3.53
CA ALA A 29 -12.90 -13.01 -4.53
C ALA A 29 -11.53 -12.85 -3.89
N THR A 30 -10.47 -12.94 -4.71
CA THR A 30 -9.11 -12.80 -4.22
C THR A 30 -8.28 -11.97 -5.18
N GLU A 31 -7.19 -11.41 -4.69
CA GLU A 31 -6.34 -10.54 -5.49
C GLU A 31 -5.33 -11.32 -6.33
N THR A 32 -5.10 -10.83 -7.54
CA THR A 32 -4.14 -11.45 -8.45
C THR A 32 -2.89 -10.58 -8.58
N VAL A 33 -3.03 -9.29 -8.28
CA VAL A 33 -1.93 -8.34 -8.40
C VAL A 33 -1.28 -8.08 -7.05
N GLU A 34 -0.03 -8.49 -6.90
CA GLU A 34 0.67 -8.31 -5.64
C GLU A 34 1.10 -6.86 -5.48
N ARG A 35 0.93 -6.32 -4.28
CA ARG A 35 1.34 -4.96 -3.97
C ARG A 35 2.08 -4.89 -2.64
N THR A 36 2.13 -6.01 -1.94
CA THR A 36 2.79 -6.06 -0.63
C THR A 36 4.29 -6.19 -0.80
N ASN A 37 5.02 -5.16 -0.36
CA ASN A 37 6.47 -5.16 -0.51
C ASN A 37 7.19 -5.37 0.82
N ILE A 38 8.29 -6.11 0.78
CA ILE A 38 9.14 -6.29 1.93
C ILE A 38 10.39 -5.45 1.72
N PRO A 39 10.47 -4.29 2.40
CA PRO A 39 11.58 -3.35 2.22
C PRO A 39 12.91 -3.88 2.76
N ARG A 40 13.20 -5.14 2.46
CA ARG A 40 14.47 -5.75 2.80
C ARG A 40 14.93 -6.64 1.65
N ILE A 41 16.16 -7.12 1.73
CA ILE A 41 16.66 -8.07 0.75
C ILE A 41 16.77 -9.43 1.40
N CYS A 42 15.76 -10.26 1.18
CA CYS A 42 15.72 -11.60 1.76
C CYS A 42 16.83 -12.45 1.17
N SER A 43 17.89 -12.65 1.95
CA SER A 43 19.11 -13.25 1.44
C SER A 43 19.37 -14.65 2.01
N LYS A 44 18.39 -15.19 2.73
CA LYS A 44 18.55 -16.53 3.32
C LYS A 44 18.78 -17.56 2.22
N GLY A 45 19.80 -18.38 2.40
CA GLY A 45 20.10 -19.44 1.45
C GLY A 45 21.08 -18.99 0.38
N LYS A 46 21.19 -17.68 0.18
CA LYS A 46 22.11 -17.14 -0.82
C LYS A 46 23.29 -16.40 -0.19
N ARG A 47 24.49 -16.76 -0.62
CA ARG A 47 25.70 -16.07 -0.19
C ARG A 47 25.69 -14.65 -0.74
N THR A 48 25.66 -13.67 0.14
CA THR A 48 25.40 -12.29 -0.26
C THR A 48 26.51 -11.33 0.13
N VAL A 49 26.90 -10.46 -0.81
CA VAL A 49 27.87 -9.42 -0.54
C VAL A 49 27.26 -8.04 -0.78
N ASP A 50 27.41 -7.15 0.20
CA ASP A 50 26.92 -5.77 0.08
C ASP A 50 28.10 -4.87 -0.22
N LEU A 51 28.28 -4.55 -1.50
CA LEU A 51 29.45 -3.81 -1.97
C LEU A 51 29.64 -2.47 -1.29
N GLY A 52 28.53 -1.88 -0.82
CA GLY A 52 28.58 -0.61 -0.13
C GLY A 52 29.18 0.49 -0.98
N GLN A 53 30.36 0.96 -0.59
CA GLN A 53 31.02 2.05 -1.30
C GLN A 53 31.91 1.55 -2.44
N CYS A 54 32.03 0.23 -2.55
CA CYS A 54 32.77 -0.35 -3.65
C CYS A 54 31.85 -0.54 -4.86
N GLY A 55 32.27 0.01 -6.00
CA GLY A 55 31.55 -0.24 -7.23
C GLY A 55 31.92 -1.60 -7.76
N LEU A 56 30.99 -2.25 -8.47
CA LEU A 56 31.20 -3.61 -8.95
C LEU A 56 32.43 -3.73 -9.85
N LEU A 57 32.64 -2.73 -10.69
CA LEU A 57 33.78 -2.74 -11.60
C LEU A 57 35.07 -2.45 -10.84
N GLY A 58 34.94 -1.84 -9.67
CA GLY A 58 36.08 -1.58 -8.81
C GLY A 58 36.68 -2.84 -8.23
N THR A 59 35.90 -3.90 -8.15
CA THR A 59 36.38 -5.17 -7.62
C THR A 59 37.47 -5.75 -8.51
N ILE A 60 37.48 -5.36 -9.77
CA ILE A 60 38.44 -5.85 -10.76
C ILE A 60 39.74 -5.07 -10.71
N THR A 61 39.64 -3.74 -10.68
CA THR A 61 40.82 -2.88 -10.70
C THR A 61 41.39 -2.67 -9.29
N GLY A 62 40.50 -2.56 -8.30
CA GLY A 62 40.90 -2.50 -6.91
C GLY A 62 41.26 -1.16 -6.31
N PRO A 63 40.30 -0.22 -6.24
CA PRO A 63 40.51 0.98 -5.43
C PRO A 63 40.46 0.61 -3.96
N PRO A 64 40.81 1.54 -3.04
CA PRO A 64 40.75 1.22 -1.62
C PRO A 64 39.40 0.66 -1.16
N GLN A 65 38.30 1.20 -1.66
CA GLN A 65 36.95 0.80 -1.25
C GLN A 65 36.66 -0.70 -1.46
N CYS A 66 37.35 -1.31 -2.42
CA CYS A 66 37.01 -2.67 -2.85
C CYS A 66 38.04 -3.70 -2.39
N ASP A 67 38.94 -3.31 -1.51
CA ASP A 67 40.03 -4.19 -1.05
C ASP A 67 39.53 -5.52 -0.46
N GLN A 68 38.31 -5.53 0.06
CA GLN A 68 37.75 -6.75 0.65
C GLN A 68 37.19 -7.67 -0.44
N PHE A 69 36.82 -7.09 -1.58
CA PHE A 69 36.09 -7.83 -2.61
C PHE A 69 36.94 -8.17 -3.83
N LEU A 70 38.26 -8.13 -3.66
CA LEU A 70 39.19 -8.39 -4.76
C LEU A 70 39.03 -9.80 -5.31
N GLU A 71 38.63 -10.73 -4.44
CA GLU A 71 38.37 -12.10 -4.83
C GLU A 71 37.10 -12.62 -4.18
N PHE A 72 36.04 -11.81 -4.22
CA PHE A 72 34.81 -12.13 -3.51
C PHE A 72 34.07 -13.30 -4.17
N SER A 73 33.18 -13.92 -3.41
CA SER A 73 32.39 -15.05 -3.88
C SER A 73 30.97 -14.84 -3.38
N ALA A 74 29.99 -14.97 -4.27
CA ALA A 74 28.62 -14.73 -3.87
C ALA A 74 27.59 -15.44 -4.75
N ASP A 75 26.40 -15.61 -4.19
CA ASP A 75 25.25 -16.09 -4.93
C ASP A 75 24.41 -14.88 -5.31
N LEU A 76 24.34 -13.91 -4.41
CA LEU A 76 23.61 -12.67 -4.63
C LEU A 76 24.54 -11.47 -4.45
N ILE A 77 24.52 -10.56 -5.42
CA ILE A 77 25.41 -9.40 -5.39
C ILE A 77 24.59 -8.11 -5.33
N ILE A 78 24.93 -7.22 -4.40
CA ILE A 78 24.19 -5.99 -4.23
C ILE A 78 25.05 -4.76 -4.45
N GLU A 79 24.64 -3.90 -5.39
CA GLU A 79 25.31 -2.64 -5.63
C GLU A 79 24.63 -1.54 -4.84
N ARG A 80 25.42 -0.61 -4.30
CA ARG A 80 24.86 0.52 -3.58
C ARG A 80 25.11 1.81 -4.35
N ARG A 81 24.19 2.76 -4.21
CA ARG A 81 24.27 4.02 -4.96
C ARG A 81 25.53 4.80 -4.61
N GLU A 82 25.96 4.69 -3.36
CA GLU A 82 27.16 5.37 -2.90
C GLU A 82 28.43 4.75 -3.47
N GLY A 83 28.28 3.57 -4.08
CA GLY A 83 29.40 2.86 -4.65
C GLY A 83 30.15 3.65 -5.71
N SER A 84 31.42 3.31 -5.90
CA SER A 84 32.25 3.97 -6.90
C SER A 84 33.30 3.00 -7.42
N ASP A 85 33.47 2.97 -8.73
CA ASP A 85 34.42 2.06 -9.39
C ASP A 85 35.83 2.65 -9.40
N VAL A 86 35.96 3.86 -8.87
CA VAL A 86 37.10 4.69 -9.18
C VAL A 86 37.65 5.46 -7.98
N CYS A 87 38.97 5.56 -7.92
CA CYS A 87 39.65 6.47 -6.99
C CYS A 87 40.21 7.63 -7.82
N TYR A 88 41.20 7.34 -8.65
CA TYR A 88 41.65 8.30 -9.65
C TYR A 88 40.53 8.43 -10.67
N PRO A 89 40.02 9.65 -10.88
CA PRO A 89 38.87 9.95 -11.74
C PRO A 89 38.93 9.26 -13.10
N GLY A 90 37.85 8.60 -13.48
CA GLY A 90 37.79 7.90 -14.74
C GLY A 90 36.55 7.06 -14.89
N LYS A 91 36.44 6.36 -16.01
CA LYS A 91 35.30 5.49 -16.26
C LYS A 91 35.68 4.34 -17.19
N PHE A 92 34.89 3.27 -17.15
CA PHE A 92 35.13 2.13 -18.02
C PHE A 92 34.52 2.38 -19.40
N VAL A 93 35.16 1.84 -20.43
CA VAL A 93 34.56 1.79 -21.75
C VAL A 93 33.73 0.51 -21.79
N ASN A 94 32.51 0.61 -22.32
CA ASN A 94 31.56 -0.49 -22.30
C ASN A 94 31.30 -0.97 -20.87
N GLU A 95 31.09 0.00 -19.98
CA GLU A 95 30.96 -0.27 -18.55
C GLU A 95 29.77 -1.16 -18.20
N GLU A 96 28.62 -0.90 -18.81
CA GLU A 96 27.41 -1.59 -18.43
C GLU A 96 27.44 -3.07 -18.83
N ALA A 97 27.97 -3.34 -20.02
CA ALA A 97 28.14 -4.72 -20.47
C ALA A 97 28.97 -5.51 -19.46
N LEU A 98 30.06 -4.91 -19.01
CA LEU A 98 30.95 -5.53 -18.03
C LEU A 98 30.24 -5.78 -16.70
N ARG A 99 29.45 -4.80 -16.25
CA ARG A 99 28.68 -4.94 -15.00
C ARG A 99 27.78 -6.16 -15.07
N GLN A 100 27.05 -6.27 -16.18
CA GLN A 100 26.14 -7.38 -16.41
C GLN A 100 26.87 -8.72 -16.37
N ILE A 101 28.12 -8.73 -16.82
CA ILE A 101 28.94 -9.93 -16.78
C ILE A 101 29.28 -10.28 -15.33
N LEU A 102 29.67 -9.28 -14.55
CA LEU A 102 30.09 -9.49 -13.17
C LEU A 102 28.91 -9.80 -12.25
N ARG A 103 27.71 -9.35 -12.62
CA ARG A 103 26.52 -9.57 -11.80
C ARG A 103 26.16 -11.05 -11.72
N GLU A 104 26.50 -11.81 -12.75
CA GLU A 104 26.18 -13.23 -12.77
C GLU A 104 27.46 -14.08 -12.80
N SER A 105 28.54 -13.53 -12.27
CA SER A 105 29.84 -14.20 -12.30
C SER A 105 29.99 -15.19 -11.16
N GLY A 106 29.30 -14.96 -10.05
CA GLY A 106 29.45 -15.76 -8.87
C GLY A 106 30.64 -15.30 -8.06
N GLY A 107 31.17 -14.14 -8.44
CA GLY A 107 32.38 -13.61 -7.83
C GLY A 107 33.56 -13.79 -8.76
N ILE A 108 34.74 -13.38 -8.30
CA ILE A 108 35.93 -13.44 -9.16
C ILE A 108 37.12 -14.11 -8.48
N ASP A 109 37.89 -14.83 -9.28
CA ASP A 109 39.15 -15.41 -8.83
C ASP A 109 40.28 -14.65 -9.52
N LYS A 110 41.23 -14.14 -8.75
CA LYS A 110 42.32 -13.36 -9.32
C LYS A 110 43.60 -14.18 -9.42
N GLU A 111 44.38 -13.90 -10.46
CA GLU A 111 45.61 -14.64 -10.71
C GLU A 111 46.65 -13.74 -11.38
N ALA A 112 47.87 -13.75 -10.84
CA ALA A 112 48.96 -12.94 -11.37
C ALA A 112 49.22 -13.22 -12.85
N MET A 113 49.35 -12.15 -13.63
CA MET A 113 49.64 -12.26 -15.05
C MET A 113 51.15 -12.32 -15.29
N GLY A 114 51.91 -11.96 -14.26
CA GLY A 114 53.36 -12.11 -14.28
C GLY A 114 54.09 -11.21 -15.25
N PHE A 115 53.73 -9.93 -15.30
CA PHE A 115 54.47 -8.97 -16.10
C PHE A 115 55.71 -8.49 -15.34
N THR A 116 56.83 -8.39 -16.04
CA THR A 116 58.08 -7.92 -15.45
C THR A 116 58.62 -6.75 -16.23
N TYR A 117 59.27 -5.80 -15.55
CA TYR A 117 59.68 -4.56 -16.19
C TYR A 117 61.13 -4.20 -15.88
N SER A 118 61.75 -3.43 -16.77
CA SER A 118 63.16 -3.08 -16.64
C SER A 118 63.42 -1.61 -16.33
N GLY A 119 63.80 -0.84 -17.34
CA GLY A 119 64.17 0.55 -17.18
C GLY A 119 62.96 1.46 -17.10
N ILE A 120 62.27 1.40 -15.96
CA ILE A 120 60.93 1.95 -15.85
C ILE A 120 60.50 1.98 -14.38
N ARG A 121 59.74 3.00 -13.98
CA ARG A 121 59.14 3.00 -12.66
C ARG A 121 57.75 2.37 -12.71
N THR A 122 57.38 1.65 -11.66
CA THR A 122 56.06 1.03 -11.57
C THR A 122 55.28 1.51 -10.35
N ASN A 123 55.92 2.34 -9.53
CA ASN A 123 55.32 2.74 -8.25
C ASN A 123 54.44 3.98 -8.36
N GLY A 124 53.82 4.16 -9.52
CA GLY A 124 52.93 5.28 -9.73
C GLY A 124 51.82 5.30 -8.69
N ALA A 125 51.67 6.43 -8.01
CA ALA A 125 50.67 6.56 -6.96
C ALA A 125 49.98 7.92 -7.02
N THR A 126 48.82 8.02 -6.39
CA THR A 126 48.08 9.29 -6.35
C THR A 126 47.43 9.54 -5.00
N SER A 127 47.10 10.81 -4.75
CA SER A 127 46.44 11.21 -3.52
C SER A 127 44.98 10.77 -3.49
N ALA A 128 44.41 10.51 -4.67
CA ALA A 128 43.00 10.14 -4.77
C ALA A 128 42.77 8.71 -4.30
N CYS A 129 43.83 7.91 -4.32
CA CYS A 129 43.75 6.53 -3.85
C CYS A 129 44.51 6.40 -2.55
N ARG A 130 44.01 7.02 -1.48
CA ARG A 130 44.74 6.98 -0.23
C ARG A 130 44.60 5.61 0.44
N ARG A 131 45.73 5.08 0.86
CA ARG A 131 45.81 3.83 1.61
C ARG A 131 47.04 3.95 2.49
N SER A 132 46.82 4.29 3.75
CA SER A 132 47.87 4.83 4.63
C SER A 132 48.36 6.14 4.02
N GLY A 133 49.18 6.05 2.98
CA GLY A 133 49.61 7.22 2.23
C GLY A 133 49.01 7.24 0.84
N SER A 134 49.65 7.96 -0.08
CA SER A 134 49.22 7.95 -1.47
C SER A 134 49.42 6.56 -2.06
N SER A 135 48.55 6.17 -2.98
CA SER A 135 48.65 4.84 -3.58
C SER A 135 48.00 4.78 -4.95
N PHE A 136 47.62 3.57 -5.37
CA PHE A 136 47.04 3.35 -6.68
C PHE A 136 46.18 2.09 -6.63
N TYR A 137 45.49 1.81 -7.73
CA TYR A 137 44.73 0.57 -7.88
C TYR A 137 45.55 -0.67 -7.52
N ALA A 138 44.97 -1.54 -6.71
CA ALA A 138 45.67 -2.71 -6.19
C ALA A 138 46.06 -3.70 -7.27
N GLU A 139 45.23 -3.80 -8.31
CA GLU A 139 45.43 -4.80 -9.35
C GLU A 139 46.16 -4.21 -10.56
N MET A 140 46.50 -2.93 -10.48
CA MET A 140 47.10 -2.26 -11.63
C MET A 140 48.46 -1.68 -11.30
N LYS A 141 49.22 -1.35 -12.33
CA LYS A 141 50.54 -0.77 -12.17
C LYS A 141 50.69 0.48 -13.03
N TRP A 142 50.86 1.62 -12.36
CA TRP A 142 51.05 2.88 -13.06
C TRP A 142 52.51 3.00 -13.48
N LEU A 143 52.76 2.77 -14.77
CA LEU A 143 54.12 2.75 -15.30
C LEU A 143 54.60 4.14 -15.72
N LEU A 144 55.81 4.50 -15.31
CA LEU A 144 56.40 5.78 -15.69
C LEU A 144 57.75 5.60 -16.39
N SER A 145 58.33 6.71 -16.79
CA SER A 145 59.60 6.68 -17.52
C SER A 145 60.72 6.14 -16.64
N ASN A 146 61.24 6.98 -15.74
CA ASN A 146 62.29 6.57 -14.81
C ASN A 146 62.69 7.67 -13.83
N THR A 147 62.99 8.86 -14.36
CA THR A 147 63.43 9.98 -13.53
C THR A 147 62.48 11.18 -13.62
N ASP A 148 62.32 11.69 -14.84
CA ASP A 148 61.47 12.84 -15.19
C ASP A 148 61.76 13.23 -16.63
N ASN A 149 60.71 13.42 -17.43
CA ASN A 149 60.85 13.80 -18.83
C ASN A 149 61.61 12.79 -19.67
N ALA A 150 62.17 11.78 -19.03
CA ALA A 150 62.97 10.77 -19.71
C ALA A 150 62.10 9.96 -20.66
N ALA A 151 62.71 9.41 -21.70
CA ALA A 151 61.95 8.66 -22.69
C ALA A 151 61.42 7.34 -22.13
N PHE A 152 60.18 7.00 -22.46
CA PHE A 152 59.62 5.72 -22.06
C PHE A 152 59.92 4.69 -23.15
N PRO A 153 60.64 3.62 -22.78
CA PRO A 153 61.02 2.55 -23.70
C PRO A 153 59.82 1.83 -24.30
N GLN A 154 59.86 1.56 -25.60
CA GLN A 154 58.82 0.74 -26.23
C GLN A 154 58.85 -0.63 -25.58
N MET A 155 57.69 -1.11 -25.15
CA MET A 155 57.62 -2.41 -24.48
C MET A 155 56.58 -3.31 -25.10
N THR A 156 56.72 -4.60 -24.88
CA THR A 156 55.75 -5.58 -25.33
C THR A 156 55.56 -6.67 -24.29
N LYS A 157 54.37 -6.71 -23.71
CA LYS A 157 54.06 -7.71 -22.70
C LYS A 157 52.92 -8.58 -23.18
N SER A 158 53.02 -9.89 -22.92
CA SER A 158 51.98 -10.81 -23.34
C SER A 158 51.58 -11.74 -22.20
N TYR A 159 50.33 -12.19 -22.25
CA TYR A 159 49.81 -13.10 -21.23
C TYR A 159 48.98 -14.18 -21.87
N LYS A 160 49.19 -15.43 -21.45
CA LYS A 160 48.45 -16.55 -22.00
C LYS A 160 47.53 -17.18 -20.93
N ASN A 161 46.28 -17.41 -21.30
CA ASN A 161 45.32 -18.01 -20.38
C ASN A 161 45.38 -19.53 -20.42
N THR A 162 46.04 -20.11 -19.42
CA THR A 162 46.22 -21.56 -19.37
C THR A 162 45.10 -22.24 -18.59
N ARG A 163 43.95 -21.60 -18.52
CA ARG A 163 42.81 -22.16 -17.80
C ARG A 163 41.65 -22.44 -18.75
N LYS A 164 40.64 -23.16 -18.27
CA LYS A 164 39.55 -23.61 -19.14
C LYS A 164 38.40 -22.62 -19.16
N SER A 165 38.60 -21.47 -18.53
CA SER A 165 37.60 -20.41 -18.51
C SER A 165 38.16 -19.12 -19.08
N PRO A 166 37.29 -18.28 -19.66
CA PRO A 166 37.75 -16.98 -20.16
C PRO A 166 38.33 -16.10 -19.07
N ALA A 167 39.38 -15.34 -19.41
CA ALA A 167 40.02 -14.45 -18.45
C ALA A 167 39.62 -13.01 -18.67
N LEU A 168 39.25 -12.33 -17.59
CA LEU A 168 38.87 -10.93 -17.68
C LEU A 168 40.11 -10.08 -17.52
N ILE A 169 40.56 -9.48 -18.62
CA ILE A 169 41.76 -8.64 -18.61
C ILE A 169 41.35 -7.18 -18.69
N VAL A 170 41.98 -6.33 -17.89
CA VAL A 170 41.66 -4.91 -17.84
C VAL A 170 42.94 -4.11 -17.91
N TRP A 171 42.88 -2.97 -18.62
CA TRP A 171 44.03 -2.06 -18.69
C TRP A 171 43.53 -0.64 -18.83
N GLY A 172 44.38 0.31 -18.49
CA GLY A 172 43.98 1.70 -18.50
C GLY A 172 44.85 2.60 -19.35
N ILE A 173 44.24 3.66 -19.87
CA ILE A 173 44.97 4.70 -20.58
C ILE A 173 44.93 5.96 -19.72
N HIS A 174 46.08 6.57 -19.51
CA HIS A 174 46.13 7.76 -18.67
C HIS A 174 46.14 9.04 -19.48
N HIS A 175 45.19 9.92 -19.17
CA HIS A 175 45.12 11.21 -19.83
C HIS A 175 45.60 12.30 -18.88
N SER A 176 46.80 12.81 -19.12
CA SER A 176 47.38 13.84 -18.27
C SER A 176 46.66 15.17 -18.44
N VAL A 177 46.83 16.07 -17.48
CA VAL A 177 46.16 17.36 -17.49
C VAL A 177 46.72 18.26 -18.60
N SER A 178 47.91 17.93 -19.07
CA SER A 178 48.58 18.71 -20.11
C SER A 178 49.61 17.85 -20.83
N THR A 179 50.03 18.30 -22.02
CA THR A 179 51.09 17.62 -22.73
C THR A 179 52.38 17.79 -21.95
N ALA A 180 52.44 18.84 -21.14
CA ALA A 180 53.55 19.08 -20.24
C ALA A 180 53.63 17.97 -19.20
N GLU A 181 52.49 17.67 -18.57
CA GLU A 181 52.45 16.64 -17.54
C GLU A 181 52.68 15.25 -18.14
N GLN A 182 52.20 15.04 -19.35
CA GLN A 182 52.40 13.76 -20.04
C GLN A 182 53.87 13.51 -20.32
N THR A 183 54.57 14.57 -20.72
CA THR A 183 55.99 14.48 -21.04
C THR A 183 56.81 14.21 -19.78
N LYS A 184 56.42 14.86 -18.69
CA LYS A 184 57.08 14.68 -17.40
C LYS A 184 57.01 13.23 -16.93
N LEU A 185 55.93 12.54 -17.30
CA LEU A 185 55.70 11.16 -16.86
C LEU A 185 56.26 10.12 -17.84
N TYR A 186 55.98 10.29 -19.13
CA TYR A 186 56.28 9.24 -20.10
C TYR A 186 57.27 9.70 -21.18
N GLY A 187 57.67 10.98 -21.12
CA GLY A 187 58.61 11.50 -22.09
C GLY A 187 57.92 12.20 -23.24
N SER A 188 58.72 12.86 -24.08
CA SER A 188 58.19 13.63 -25.20
C SER A 188 57.63 12.73 -26.30
N GLY A 189 57.19 13.34 -27.40
CA GLY A 189 56.74 12.58 -28.55
C GLY A 189 55.38 11.94 -28.36
N ASN A 190 54.83 11.42 -29.44
CA ASN A 190 53.53 10.75 -29.39
C ASN A 190 53.62 9.39 -28.71
N LYS A 191 52.50 8.94 -28.14
CA LYS A 191 52.48 7.70 -27.40
C LYS A 191 51.39 6.78 -27.96
N LEU A 192 51.68 5.49 -28.04
CA LEU A 192 50.72 4.54 -28.59
C LEU A 192 50.62 3.26 -27.76
N VAL A 193 49.40 2.78 -27.58
CA VAL A 193 49.16 1.51 -26.92
C VAL A 193 48.30 0.62 -27.82
N THR A 194 48.84 -0.52 -28.24
CA THR A 194 48.07 -1.46 -29.05
C THR A 194 47.84 -2.73 -28.25
N VAL A 195 46.61 -3.25 -28.31
CA VAL A 195 46.26 -4.46 -27.58
C VAL A 195 45.71 -5.51 -28.55
N GLY A 196 46.44 -6.60 -28.71
CA GLY A 196 46.06 -7.61 -29.66
C GLY A 196 45.77 -8.98 -29.06
N SER A 197 44.75 -9.62 -29.60
CA SER A 197 44.37 -10.98 -29.22
C SER A 197 44.23 -11.80 -30.50
N SER A 198 43.51 -12.91 -30.42
CA SER A 198 43.22 -13.71 -31.61
C SER A 198 41.79 -13.48 -32.04
N ASN A 199 41.08 -12.65 -31.28
CA ASN A 199 39.67 -12.38 -31.46
C ASN A 199 39.38 -10.91 -31.20
N TYR A 200 40.41 -10.20 -30.74
CA TYR A 200 40.29 -8.80 -30.37
C TYR A 200 41.46 -8.01 -30.93
N GLN A 201 41.19 -6.80 -31.38
CA GLN A 201 42.24 -5.89 -31.81
C GLN A 201 41.78 -4.44 -31.70
N GLN A 202 42.56 -3.64 -30.99
CA GLN A 202 42.21 -2.26 -30.74
C GLN A 202 43.49 -1.44 -30.68
N SER A 203 43.34 -0.13 -30.62
CA SER A 203 44.48 0.76 -30.49
C SER A 203 44.10 1.99 -29.71
N PHE A 204 45.07 2.57 -28.99
CA PHE A 204 44.76 3.68 -28.10
C PHE A 204 45.83 4.76 -28.09
N VAL A 205 45.38 5.99 -27.97
CA VAL A 205 46.25 7.14 -27.89
C VAL A 205 45.86 7.97 -26.68
N PRO A 206 46.85 8.49 -25.95
CA PRO A 206 46.52 9.36 -24.82
C PRO A 206 45.98 10.69 -25.31
N SER A 207 45.30 11.42 -24.44
CA SER A 207 44.67 12.67 -24.82
C SER A 207 44.82 13.73 -23.75
N PRO A 208 46.03 14.30 -23.65
CA PRO A 208 46.31 15.30 -22.62
C PRO A 208 45.47 16.56 -22.79
N GLY A 209 44.95 17.08 -21.68
CA GLY A 209 44.12 18.27 -21.70
C GLY A 209 43.47 18.56 -20.38
N ALA A 210 43.03 19.79 -20.18
CA ALA A 210 42.41 20.19 -18.93
C ALA A 210 40.98 19.66 -18.82
N ARG A 211 40.71 18.94 -17.74
CA ARG A 211 39.36 18.50 -17.42
C ARG A 211 38.95 19.15 -16.12
N PRO A 212 37.65 19.09 -15.78
CA PRO A 212 37.27 19.58 -14.45
C PRO A 212 37.87 18.71 -13.35
N GLN A 213 38.05 19.26 -12.16
CA GLN A 213 38.66 18.53 -11.07
C GLN A 213 37.70 17.56 -10.40
N VAL A 214 38.03 16.28 -10.44
CA VAL A 214 37.32 15.25 -9.71
C VAL A 214 38.28 14.61 -8.72
N ASN A 215 37.92 14.66 -7.44
CA ASN A 215 38.80 14.22 -6.35
C ASN A 215 40.11 15.00 -6.33
N GLY A 216 40.02 16.27 -6.70
CA GLY A 216 41.17 17.17 -6.71
C GLY A 216 42.07 16.97 -7.92
N LEU A 217 41.62 16.15 -8.86
CA LEU A 217 42.43 15.82 -10.04
C LEU A 217 41.72 16.17 -11.34
N SER A 218 42.49 16.70 -12.30
CA SER A 218 41.95 17.03 -13.61
C SER A 218 42.37 16.00 -14.64
N GLY A 219 43.14 15.02 -14.20
CA GLY A 219 43.54 13.92 -15.06
C GLY A 219 42.48 12.83 -15.07
N ARG A 220 42.45 12.05 -16.14
CA ARG A 220 41.50 10.96 -16.24
C ARG A 220 42.20 9.65 -16.61
N ILE A 221 41.89 8.58 -15.90
CA ILE A 221 42.31 7.25 -16.30
C ILE A 221 41.10 6.46 -16.81
N ASP A 222 41.13 6.11 -18.09
CA ASP A 222 40.04 5.35 -18.68
C ASP A 222 40.42 3.89 -18.82
N PHE A 223 39.48 3.00 -18.49
CA PHE A 223 39.77 1.58 -18.47
C PHE A 223 39.12 0.83 -19.65
N HIS A 224 39.87 -0.14 -20.16
CA HIS A 224 39.37 -1.00 -21.23
C HIS A 224 39.49 -2.44 -20.77
N TRP A 225 38.65 -3.30 -21.34
CA TRP A 225 38.63 -4.70 -20.93
C TRP A 225 38.28 -5.61 -22.08
N LEU A 226 38.67 -6.88 -21.95
CA LEU A 226 38.28 -7.91 -22.89
C LEU A 226 38.19 -9.24 -22.17
N MET A 227 37.46 -10.18 -22.74
CA MET A 227 37.46 -11.53 -22.23
C MET A 227 38.44 -12.34 -23.08
N LEU A 228 39.37 -13.01 -22.40
CA LEU A 228 40.39 -13.80 -23.10
C LEU A 228 40.02 -15.26 -23.10
N ASN A 229 39.78 -15.83 -24.27
CA ASN A 229 39.41 -17.23 -24.40
C ASN A 229 40.51 -18.15 -23.87
N PRO A 230 40.12 -19.35 -23.40
CA PRO A 230 41.10 -20.36 -22.97
C PRO A 230 42.15 -20.62 -24.05
N ASN A 231 43.40 -20.79 -23.62
CA ASN A 231 44.53 -21.07 -24.53
C ASN A 231 44.86 -19.89 -25.46
N ASP A 232 44.10 -18.80 -25.38
CA ASP A 232 44.40 -17.63 -26.20
C ASP A 232 45.34 -16.68 -25.47
N THR A 233 45.94 -15.75 -26.21
CA THR A 233 46.95 -14.86 -25.67
C THR A 233 46.63 -13.40 -25.95
N VAL A 234 46.92 -12.52 -24.99
CA VAL A 234 46.86 -11.08 -25.21
C VAL A 234 48.28 -10.51 -25.22
N THR A 235 48.53 -9.57 -26.12
CA THR A 235 49.83 -8.90 -26.19
C THR A 235 49.66 -7.39 -26.07
N PHE A 236 50.43 -6.78 -25.18
CA PHE A 236 50.38 -5.34 -24.98
C PHE A 236 51.65 -4.68 -25.53
N SER A 237 51.47 -3.80 -26.51
CA SER A 237 52.60 -2.99 -27.00
C SER A 237 52.30 -1.54 -26.67
N PHE A 238 53.25 -0.89 -26.02
CA PHE A 238 53.03 0.46 -25.50
C PHE A 238 54.35 1.20 -25.28
N ASN A 239 54.27 2.51 -25.16
CA ASN A 239 55.45 3.35 -24.93
C ASN A 239 55.13 4.50 -23.97
N GLY A 240 54.07 4.35 -23.19
CA GLY A 240 53.70 5.36 -22.22
C GLY A 240 52.20 5.48 -22.06
N ALA A 241 51.78 6.25 -21.05
CA ALA A 241 50.37 6.49 -20.74
C ALA A 241 49.59 5.19 -20.58
N PHE A 242 50.27 4.13 -20.14
CA PHE A 242 49.67 2.81 -20.03
C PHE A 242 49.53 2.35 -18.59
N ILE A 243 48.30 2.04 -18.19
CA ILE A 243 48.07 1.44 -16.88
C ILE A 243 47.97 -0.06 -17.02
N ALA A 244 49.00 -0.76 -16.57
CA ALA A 244 49.12 -2.20 -16.78
C ALA A 244 48.36 -2.98 -15.72
N PRO A 245 47.82 -4.14 -16.09
CA PRO A 245 47.20 -5.07 -15.13
C PRO A 245 48.26 -5.91 -14.42
N ASP A 246 48.00 -6.27 -13.17
CA ASP A 246 48.92 -7.12 -12.43
C ASP A 246 48.34 -8.53 -12.32
N ARG A 247 47.02 -8.60 -12.25
CA ARG A 247 46.33 -9.88 -12.15
C ARG A 247 45.14 -9.94 -13.11
N ALA A 248 44.79 -11.14 -13.54
CA ALA A 248 43.61 -11.36 -14.37
C ALA A 248 42.46 -11.84 -13.50
N SER A 249 41.25 -11.83 -14.05
CA SER A 249 40.09 -12.26 -13.28
C SER A 249 39.43 -13.47 -13.92
N PHE A 250 38.95 -14.37 -13.08
CA PHE A 250 38.19 -15.53 -13.55
C PHE A 250 36.88 -15.66 -12.79
N LEU A 251 35.80 -15.84 -13.54
CA LEU A 251 34.47 -15.91 -12.95
C LEU A 251 34.31 -17.20 -12.16
N ARG A 252 33.77 -17.10 -10.95
CA ARG A 252 33.68 -18.22 -10.04
C ARG A 252 32.57 -19.20 -10.43
N GLY A 253 31.41 -18.67 -10.83
CA GLY A 253 30.30 -19.52 -11.21
C GLY A 253 29.04 -18.80 -11.67
N LYS A 254 28.00 -18.87 -10.86
CA LYS A 254 26.70 -18.30 -11.19
C LYS A 254 26.17 -17.44 -10.05
N SER A 255 25.56 -16.31 -10.40
CA SER A 255 24.99 -15.41 -9.40
C SER A 255 23.95 -14.48 -10.01
N MET A 256 23.53 -13.50 -9.22
CA MET A 256 22.57 -12.50 -9.68
C MET A 256 22.83 -11.18 -8.95
N GLY A 257 22.83 -10.09 -9.71
CA GLY A 257 23.12 -8.79 -9.15
C GLY A 257 21.91 -7.88 -9.15
N ILE A 258 21.78 -7.09 -8.08
CA ILE A 258 20.70 -6.13 -7.96
C ILE A 258 21.23 -4.77 -7.53
N GLN A 259 20.41 -3.74 -7.68
CA GLN A 259 20.72 -2.43 -7.14
C GLN A 259 19.65 -2.07 -6.11
N SER A 260 20.03 -2.04 -4.85
CA SER A 260 19.06 -1.81 -3.78
C SER A 260 19.45 -0.65 -2.89
N GLY A 261 18.45 -0.08 -2.21
CA GLY A 261 18.68 1.00 -1.27
C GLY A 261 18.13 0.69 0.10
N VAL A 262 17.86 -0.59 0.35
CA VAL A 262 17.31 -1.01 1.64
C VAL A 262 18.19 -2.09 2.26
N GLN A 263 18.04 -2.31 3.57
CA GLN A 263 18.92 -3.20 4.31
C GLN A 263 18.85 -4.64 3.82
N VAL A 264 19.84 -5.43 4.21
CA VAL A 264 19.85 -6.86 3.90
C VAL A 264 19.25 -7.64 5.07
N ASP A 265 18.41 -8.62 4.76
CA ASP A 265 17.85 -9.48 5.80
C ASP A 265 18.22 -10.93 5.48
N ALA A 266 18.73 -11.64 6.48
CA ALA A 266 19.27 -12.98 6.26
C ALA A 266 18.32 -14.07 6.74
N ASN A 267 17.23 -13.68 7.38
CA ASN A 267 16.26 -14.64 7.89
C ASN A 267 15.19 -15.00 6.87
N CYS A 268 14.73 -13.99 6.13
CA CYS A 268 13.69 -14.20 5.13
C CYS A 268 14.29 -14.78 3.85
N GLU A 269 13.52 -15.64 3.18
CA GLU A 269 13.95 -16.27 1.95
C GLU A 269 13.19 -15.69 0.76
N GLY A 270 13.90 -15.25 -0.26
CA GLY A 270 13.27 -14.61 -1.41
C GLY A 270 13.88 -14.98 -2.75
N ASP A 271 13.26 -14.52 -3.82
CA ASP A 271 13.72 -14.82 -5.17
C ASP A 271 13.38 -13.71 -6.18
N CYS A 272 12.57 -12.74 -5.76
CA CYS A 272 12.27 -11.61 -6.62
C CYS A 272 12.67 -10.31 -5.95
N TYR A 273 13.52 -9.54 -6.62
CA TYR A 273 14.06 -8.32 -6.03
C TYR A 273 13.82 -7.10 -6.89
N HIS A 274 13.78 -5.95 -6.24
CA HIS A 274 13.79 -4.66 -6.90
C HIS A 274 14.52 -3.70 -5.98
N SER A 275 14.70 -2.46 -6.42
CA SER A 275 15.51 -1.50 -5.66
C SER A 275 14.95 -1.22 -4.26
N GLY A 276 13.67 -1.49 -4.07
CA GLY A 276 13.01 -1.18 -2.82
C GLY A 276 12.72 -2.35 -1.92
N GLY A 277 13.12 -3.56 -2.33
CA GLY A 277 12.96 -4.72 -1.47
C GLY A 277 12.72 -6.04 -2.16
N THR A 278 12.08 -6.96 -1.45
CA THR A 278 11.84 -8.32 -1.93
C THR A 278 10.36 -8.58 -2.14
N ILE A 279 10.01 -9.12 -3.30
CA ILE A 279 8.63 -9.51 -3.60
C ILE A 279 8.47 -11.02 -3.39
N ILE A 280 7.74 -11.38 -2.35
CA ILE A 280 7.43 -12.79 -2.09
C ILE A 280 5.94 -13.00 -2.24
N SER A 281 5.56 -13.71 -3.29
CA SER A 281 4.15 -13.85 -3.63
C SER A 281 3.90 -15.00 -4.60
N ASN A 282 2.79 -15.70 -4.41
CA ASN A 282 2.37 -16.74 -5.33
C ASN A 282 1.46 -16.15 -6.41
N LEU A 283 1.12 -14.88 -6.26
CA LEU A 283 0.27 -14.19 -7.23
C LEU A 283 0.97 -14.07 -8.57
N PRO A 284 0.19 -14.12 -9.66
CA PRO A 284 0.74 -14.12 -11.03
C PRO A 284 1.26 -12.76 -11.48
N PHE A 285 0.76 -11.69 -10.88
CA PHE A 285 1.16 -10.35 -11.29
C PHE A 285 1.55 -9.48 -10.10
N GLN A 286 2.17 -8.33 -10.41
CA GLN A 286 2.60 -7.39 -9.40
C GLN A 286 2.61 -5.97 -9.97
N ASN A 287 2.41 -4.99 -9.09
CA ASN A 287 2.34 -3.59 -9.50
C ASN A 287 3.36 -2.77 -8.72
N ILE A 288 4.42 -3.45 -8.26
CA ILE A 288 5.43 -2.83 -7.42
C ILE A 288 6.55 -2.16 -8.24
N ASP A 289 7.17 -2.93 -9.14
CA ASP A 289 8.29 -2.41 -9.92
C ASP A 289 8.42 -3.17 -11.23
N SER A 290 8.49 -2.44 -12.34
CA SER A 290 8.54 -3.04 -13.66
C SER A 290 9.91 -3.61 -13.96
N ARG A 291 10.90 -3.14 -13.21
CA ARG A 291 12.28 -3.57 -13.42
C ARG A 291 12.72 -4.58 -12.37
N ALA A 292 11.76 -5.15 -11.65
CA ALA A 292 12.05 -6.21 -10.68
C ALA A 292 12.75 -7.37 -11.37
N VAL A 293 13.68 -8.01 -10.67
CA VAL A 293 14.48 -9.07 -11.30
C VAL A 293 14.55 -10.35 -10.47
N GLY A 294 14.89 -11.45 -11.13
CA GLY A 294 14.89 -12.75 -10.50
C GLY A 294 13.72 -13.56 -11.02
N LYS A 295 13.12 -14.35 -10.14
CA LYS A 295 11.93 -15.09 -10.48
C LYS A 295 10.72 -14.35 -9.94
N CYS A 296 10.06 -13.60 -10.81
CA CYS A 296 9.03 -12.65 -10.39
C CYS A 296 7.71 -12.89 -11.10
N PRO A 297 6.61 -12.48 -10.46
CA PRO A 297 5.33 -12.36 -11.17
C PRO A 297 5.39 -11.23 -12.19
N ARG A 298 4.63 -11.30 -13.27
CA ARG A 298 4.73 -10.29 -14.33
C ARG A 298 4.26 -8.93 -13.84
N TYR A 299 4.92 -7.88 -14.28
CA TYR A 299 4.50 -6.54 -13.90
C TYR A 299 3.30 -6.10 -14.72
N VAL A 300 2.34 -5.45 -14.07
CA VAL A 300 1.18 -4.89 -14.75
C VAL A 300 0.90 -3.46 -14.28
N LYS A 301 0.18 -2.69 -15.08
CA LYS A 301 -0.12 -1.30 -14.77
C LYS A 301 -1.17 -1.19 -13.67
N GLN A 302 -2.04 -2.19 -13.59
CA GLN A 302 -3.17 -2.13 -12.67
C GLN A 302 -2.71 -2.43 -11.24
N ARG A 303 -3.33 -1.75 -10.28
CA ARG A 303 -3.02 -1.99 -8.87
C ARG A 303 -3.83 -3.15 -8.31
N SER A 304 -4.92 -3.49 -8.97
CA SER A 304 -5.79 -4.57 -8.51
C SER A 304 -6.61 -5.22 -9.61
N LEU A 305 -6.64 -6.55 -9.60
CA LEU A 305 -7.50 -7.33 -10.49
C LEU A 305 -8.10 -8.49 -9.71
N LEU A 306 -9.36 -8.34 -9.31
CA LEU A 306 -10.01 -9.32 -8.44
C LEU A 306 -10.51 -10.53 -9.21
N LEU A 307 -10.12 -11.71 -8.73
CA LEU A 307 -10.56 -12.97 -9.32
C LEU A 307 -11.66 -13.59 -8.46
N ALA A 308 -12.82 -13.81 -9.08
CA ALA A 308 -13.94 -14.39 -8.36
C ALA A 308 -13.61 -15.80 -7.89
N THR A 309 -13.75 -16.03 -6.59
CA THR A 309 -13.54 -17.35 -6.02
C THR A 309 -14.86 -17.88 -5.45
N GLY A 310 -15.96 -17.34 -5.98
CA GLY A 310 -17.28 -17.73 -5.53
C GLY A 310 -18.32 -17.34 -6.55
N MET A 311 -19.55 -17.80 -6.36
CA MET A 311 -20.63 -17.55 -7.31
C MET A 311 -21.10 -16.10 -7.27
N LYS A 312 -21.93 -15.74 -8.24
CA LYS A 312 -22.56 -14.43 -8.27
C LYS A 312 -23.41 -14.27 -7.02
N ASN A 313 -23.23 -13.17 -6.30
CA ASN A 313 -23.95 -12.97 -5.06
C ASN A 313 -25.33 -12.36 -5.30
N VAL A 314 -26.36 -13.04 -4.81
CA VAL A 314 -27.73 -12.57 -4.96
C VAL A 314 -28.39 -12.48 -3.58
N PRO A 315 -28.68 -11.24 -3.15
CA PRO A 315 -29.24 -11.01 -1.81
C PRO A 315 -30.60 -11.68 -1.63
N GLU A 316 -30.88 -12.17 -0.43
CA GLU A 316 -32.13 -12.85 -0.16
C GLU A 316 -33.29 -11.85 -0.06
N ILE A 317 -34.42 -12.22 -0.66
CA ILE A 317 -35.61 -11.38 -0.59
C ILE A 317 -36.10 -11.32 0.85
N PRO A 318 -36.10 -10.10 1.43
CA PRO A 318 -36.40 -9.84 2.84
C PRO A 318 -37.68 -10.51 3.34
N GLY B 4 -45.42 -15.90 4.01
CA GLY B 4 -44.73 -16.83 4.88
C GLY B 4 -44.26 -18.07 4.15
N ALA B 5 -44.11 -17.95 2.83
CA ALA B 5 -43.64 -19.06 2.01
C ALA B 5 -42.12 -19.10 1.96
N ILE B 6 -41.59 -20.12 1.29
CA ILE B 6 -40.16 -20.23 1.06
C ILE B 6 -39.89 -20.13 -0.44
N ALA B 7 -38.66 -19.77 -0.82
CA ALA B 7 -38.34 -19.53 -2.22
C ALA B 7 -36.97 -20.10 -2.56
N GLY B 8 -36.76 -20.40 -3.84
CA GLY B 8 -35.52 -21.00 -4.30
C GLY B 8 -34.64 -20.03 -5.07
N PHE B 9 -33.75 -20.59 -5.88
CA PHE B 9 -32.71 -19.79 -6.54
C PHE B 9 -33.24 -18.82 -7.60
N ILE B 10 -34.39 -19.13 -8.19
CA ILE B 10 -34.92 -18.35 -9.30
C ILE B 10 -35.29 -16.90 -8.89
N GLU B 11 -35.22 -16.59 -7.60
CA GLU B 11 -35.48 -15.21 -7.19
C GLU B 11 -34.77 -14.75 -5.90
N ASN B 12 -33.72 -15.47 -5.50
CA ASN B 12 -32.83 -15.05 -4.40
C ASN B 12 -31.83 -16.12 -3.98
N GLY B 13 -30.86 -15.71 -3.16
CA GLY B 13 -29.94 -16.64 -2.53
C GLY B 13 -30.34 -16.81 -1.08
N TRP B 14 -29.58 -17.62 -0.34
CA TRP B 14 -29.88 -17.89 1.06
C TRP B 14 -28.72 -17.49 1.96
N GLU B 15 -28.88 -16.41 2.70
CA GLU B 15 -27.81 -15.93 3.57
C GLU B 15 -27.68 -16.81 4.83
N GLY B 16 -28.60 -17.76 4.96
CA GLY B 16 -28.57 -18.68 6.08
C GLY B 16 -27.86 -19.97 5.74
N LEU B 17 -27.70 -20.24 4.45
CA LEU B 17 -26.97 -21.42 3.98
C LEU B 17 -25.48 -21.19 4.21
N ILE B 18 -25.02 -21.49 5.42
CA ILE B 18 -23.65 -21.16 5.81
C ILE B 18 -22.73 -22.38 5.91
N ASP B 19 -23.24 -23.56 5.54
CA ASP B 19 -22.43 -24.77 5.59
C ASP B 19 -22.29 -25.41 4.21
N GLY B 20 -22.46 -24.60 3.17
CA GLY B 20 -22.35 -25.08 1.81
C GLY B 20 -22.76 -24.04 0.79
N TRP B 21 -22.41 -24.31 -0.48
CA TRP B 21 -22.72 -23.39 -1.57
C TRP B 21 -24.13 -23.59 -2.09
N TYR B 22 -24.54 -24.86 -2.22
CA TYR B 22 -25.87 -25.20 -2.70
C TYR B 22 -26.58 -26.04 -1.64
N GLY B 23 -27.90 -26.01 -1.63
CA GLY B 23 -28.64 -26.75 -0.63
C GLY B 23 -30.12 -26.89 -0.85
N PHE B 24 -30.77 -27.46 0.15
CA PHE B 24 -32.21 -27.71 0.13
C PHE B 24 -32.90 -26.90 1.21
N ARG B 25 -34.10 -26.40 0.91
CA ARG B 25 -34.95 -25.81 1.92
C ARG B 25 -36.36 -26.32 1.75
N HIS B 26 -36.88 -26.96 2.79
CA HIS B 26 -38.18 -27.59 2.72
C HIS B 26 -39.11 -27.00 3.75
N GLN B 27 -40.39 -27.35 3.63
CA GLN B 27 -41.34 -27.10 4.71
C GLN B 27 -42.46 -28.14 4.65
N ASN B 28 -42.80 -28.65 5.83
CA ASN B 28 -43.85 -29.65 5.97
C ASN B 28 -44.55 -29.48 7.31
N ALA B 29 -45.22 -30.53 7.76
CA ALA B 29 -45.88 -30.49 9.07
C ALA B 29 -44.86 -30.32 10.20
N GLN B 30 -43.66 -30.87 9.99
CA GLN B 30 -42.60 -30.76 10.99
C GLN B 30 -41.98 -29.37 10.98
N GLY B 31 -42.24 -28.62 9.93
CA GLY B 31 -41.74 -27.25 9.84
C GLY B 31 -40.73 -27.01 8.73
N GLU B 32 -40.04 -25.88 8.83
CA GLU B 32 -39.09 -25.45 7.82
C GLU B 32 -37.67 -25.91 8.16
N GLY B 33 -36.88 -26.25 7.15
CA GLY B 33 -35.52 -26.70 7.37
C GLY B 33 -34.60 -26.40 6.20
N THR B 34 -33.29 -26.42 6.46
CA THR B 34 -32.30 -26.09 5.43
C THR B 34 -31.01 -26.88 5.62
N ALA B 35 -30.63 -27.63 4.58
CA ALA B 35 -29.39 -28.39 4.59
C ALA B 35 -28.64 -28.16 3.28
N ALA B 36 -27.34 -28.43 3.29
CA ALA B 36 -26.52 -28.23 2.09
C ALA B 36 -26.30 -29.54 1.33
N ASP B 37 -26.20 -29.43 0.01
CA ASP B 37 -25.88 -30.58 -0.84
C ASP B 37 -24.38 -30.68 -1.02
N TYR B 38 -23.82 -31.87 -0.81
CA TYR B 38 -22.37 -32.04 -0.85
C TYR B 38 -21.83 -32.08 -2.27
N LYS B 39 -22.43 -32.91 -3.11
CA LYS B 39 -21.90 -33.20 -4.43
C LYS B 39 -21.81 -31.96 -5.34
N SER B 40 -22.83 -31.12 -5.30
CA SER B 40 -22.84 -29.92 -6.12
C SER B 40 -21.87 -28.88 -5.57
N THR B 41 -21.87 -28.73 -4.25
CA THR B 41 -20.97 -27.79 -3.58
C THR B 41 -19.51 -28.16 -3.82
N GLN B 42 -19.19 -29.44 -3.67
CA GLN B 42 -17.82 -29.91 -3.82
C GLN B 42 -17.32 -29.73 -5.25
N SER B 43 -18.17 -30.04 -6.22
CA SER B 43 -17.85 -29.85 -7.63
C SER B 43 -17.49 -28.40 -7.93
N ALA B 44 -18.30 -27.48 -7.42
CA ALA B 44 -18.07 -26.05 -7.61
C ALA B 44 -16.75 -25.64 -6.98
N ILE B 45 -16.53 -26.07 -5.74
CA ILE B 45 -15.30 -25.74 -5.03
C ILE B 45 -14.07 -26.36 -5.70
N ASP B 46 -14.21 -27.57 -6.21
CA ASP B 46 -13.10 -28.25 -6.89
C ASP B 46 -12.67 -27.47 -8.13
N GLN B 47 -13.64 -26.96 -8.87
CA GLN B 47 -13.34 -26.21 -10.09
C GLN B 47 -12.69 -24.85 -9.82
N ILE B 48 -13.18 -24.15 -8.81
CA ILE B 48 -12.63 -22.83 -8.48
C ILE B 48 -11.20 -22.94 -7.95
N THR B 49 -10.96 -23.90 -7.06
CA THR B 49 -9.62 -24.15 -6.56
C THR B 49 -8.72 -24.61 -7.69
N GLY B 50 -9.30 -25.30 -8.67
CA GLY B 50 -8.57 -25.72 -9.85
C GLY B 50 -8.04 -24.53 -10.64
N LYS B 51 -8.84 -23.48 -10.75
CA LYS B 51 -8.41 -22.25 -11.39
C LYS B 51 -7.27 -21.63 -10.59
N LEU B 52 -7.44 -21.60 -9.27
CA LEU B 52 -6.47 -21.00 -8.37
C LEU B 52 -5.09 -21.65 -8.48
N ASN B 53 -5.06 -22.98 -8.49
CA ASN B 53 -3.79 -23.69 -8.63
C ASN B 53 -3.16 -23.39 -9.99
N ARG B 54 -4.01 -23.27 -11.00
CA ARG B 54 -3.56 -23.03 -12.37
C ARG B 54 -2.90 -21.66 -12.54
N LEU B 55 -3.09 -20.78 -11.56
CA LEU B 55 -2.53 -19.44 -11.61
C LEU B 55 -1.39 -19.26 -10.61
N ILE B 56 -1.18 -20.28 -9.77
CA ILE B 56 -0.11 -20.25 -8.79
C ILE B 56 1.16 -20.84 -9.40
N GLU B 57 0.97 -21.75 -10.35
CA GLU B 57 2.07 -22.37 -11.09
C GLU B 57 3.10 -21.35 -11.56
N LYS B 58 4.18 -21.22 -10.79
CA LYS B 58 5.21 -20.22 -11.05
C LYS B 58 5.99 -20.48 -12.33
N THR B 59 6.62 -19.41 -12.83
CA THR B 59 7.45 -19.50 -14.03
C THR B 59 8.89 -19.77 -13.66
N ASN B 60 9.59 -20.54 -14.50
CA ASN B 60 10.98 -20.86 -14.25
C ASN B 60 11.91 -19.87 -14.94
N GLN B 61 11.34 -18.89 -15.61
CA GLN B 61 12.14 -17.87 -16.29
C GLN B 61 12.68 -16.84 -15.31
N GLN B 62 13.99 -16.76 -15.22
CA GLN B 62 14.65 -15.76 -14.42
C GLN B 62 15.09 -14.60 -15.31
N PHE B 63 14.89 -13.38 -14.85
CA PHE B 63 15.27 -12.21 -15.63
C PHE B 63 16.27 -11.35 -14.88
N GLU B 64 17.26 -10.84 -15.60
CA GLU B 64 18.29 -10.00 -15.01
C GLU B 64 18.27 -8.59 -15.59
N LEU B 65 18.99 -7.69 -14.92
CA LEU B 65 19.11 -6.29 -15.31
C LEU B 65 19.66 -6.12 -16.72
N ILE B 66 19.02 -5.24 -17.50
CA ILE B 66 19.59 -4.84 -18.79
C ILE B 66 19.82 -3.32 -18.82
N ASP B 67 19.40 -2.63 -17.77
CA ASP B 67 19.73 -1.21 -17.62
C ASP B 67 20.22 -0.91 -16.19
N ASN B 68 20.31 0.38 -15.88
CA ASN B 68 20.93 0.83 -14.64
C ASN B 68 20.25 2.09 -14.13
N GLU B 69 19.87 2.11 -12.85
CA GLU B 69 19.22 3.28 -12.27
C GLU B 69 20.17 4.10 -11.39
N PHE B 70 21.45 3.78 -11.45
CA PHE B 70 22.47 4.60 -10.81
C PHE B 70 23.27 5.32 -11.90
N ASN B 71 23.83 4.54 -12.82
CA ASN B 71 24.50 5.09 -13.99
C ASN B 71 23.68 4.83 -15.25
N GLU B 72 22.85 5.80 -15.62
CA GLU B 72 21.96 5.67 -16.77
C GLU B 72 22.72 5.31 -18.04
N VAL B 73 22.17 4.36 -18.80
CA VAL B 73 22.83 3.87 -20.00
C VAL B 73 22.76 4.89 -21.13
N GLU B 74 23.42 4.58 -22.24
CA GLU B 74 23.43 5.44 -23.41
C GLU B 74 22.00 5.68 -23.89
N LYS B 75 21.71 6.92 -24.31
CA LYS B 75 20.34 7.33 -24.61
C LYS B 75 19.61 6.44 -25.60
N GLN B 76 20.24 6.18 -26.75
CA GLN B 76 19.59 5.42 -27.81
C GLN B 76 19.21 4.02 -27.34
N ILE B 77 20.19 3.27 -26.84
CA ILE B 77 19.91 1.92 -26.36
C ILE B 77 18.99 1.96 -25.14
N GLY B 78 18.99 3.07 -24.41
CA GLY B 78 18.13 3.22 -23.26
C GLY B 78 16.68 3.38 -23.67
N ASN B 79 16.43 4.23 -24.65
CA ASN B 79 15.08 4.43 -25.16
C ASN B 79 14.55 3.19 -25.85
N VAL B 80 15.44 2.42 -26.49
CA VAL B 80 15.04 1.17 -27.14
C VAL B 80 14.58 0.18 -26.07
N ILE B 81 15.34 0.09 -24.98
CA ILE B 81 15.02 -0.78 -23.87
C ILE B 81 13.68 -0.39 -23.22
N ASN B 82 13.52 0.89 -22.90
CA ASN B 82 12.29 1.39 -22.28
C ASN B 82 11.08 1.16 -23.18
N TRP B 83 11.25 1.41 -24.48
CA TRP B 83 10.21 1.19 -25.47
C TRP B 83 9.79 -0.28 -25.51
N THR B 84 10.77 -1.18 -25.40
CA THR B 84 10.49 -2.61 -25.41
C THR B 84 9.78 -3.03 -24.14
N ARG B 85 10.29 -2.57 -22.99
CA ARG B 85 9.71 -2.95 -21.70
C ARG B 85 8.27 -2.48 -21.58
N ASP B 86 8.03 -1.23 -21.93
CA ASP B 86 6.68 -0.66 -21.85
C ASP B 86 5.72 -1.38 -22.80
N SER B 87 6.26 -1.86 -23.91
CA SER B 87 5.46 -2.60 -24.88
C SER B 87 4.99 -3.93 -24.30
N ILE B 88 5.90 -4.67 -23.68
CA ILE B 88 5.53 -5.95 -23.08
C ILE B 88 4.70 -5.75 -21.80
N THR B 89 4.92 -4.63 -21.12
CA THR B 89 4.10 -4.26 -19.97
C THR B 89 2.66 -4.06 -20.40
N GLU B 90 2.49 -3.42 -21.56
CA GLU B 90 1.17 -3.23 -22.14
C GLU B 90 0.52 -4.57 -22.44
N VAL B 91 1.31 -5.51 -22.92
CA VAL B 91 0.82 -6.84 -23.30
C VAL B 91 0.36 -7.63 -22.07
N TRP B 92 1.17 -7.64 -21.03
CA TRP B 92 0.83 -8.36 -19.80
C TRP B 92 -0.35 -7.72 -19.07
N SER B 93 -0.41 -6.39 -19.11
CA SER B 93 -1.52 -5.67 -18.50
C SER B 93 -2.81 -6.04 -19.23
N TYR B 94 -2.72 -6.14 -20.55
CA TYR B 94 -3.85 -6.60 -21.36
C TYR B 94 -4.20 -8.04 -20.99
N ASN B 95 -3.20 -8.91 -21.01
CA ASN B 95 -3.38 -10.32 -20.68
C ASN B 95 -4.00 -10.53 -19.31
N ALA B 96 -3.47 -9.85 -18.30
CA ALA B 96 -3.98 -9.94 -16.94
C ALA B 96 -5.44 -9.54 -16.89
N GLU B 97 -5.76 -8.39 -17.49
CA GLU B 97 -7.11 -7.84 -17.46
C GLU B 97 -8.09 -8.81 -18.11
N LEU B 98 -7.70 -9.34 -19.28
CA LEU B 98 -8.56 -10.24 -20.03
C LEU B 98 -8.71 -11.60 -19.35
N LEU B 99 -7.58 -12.14 -18.85
CA LEU B 99 -7.60 -13.42 -18.17
C LEU B 99 -8.59 -13.41 -17.02
N VAL B 100 -8.46 -12.45 -16.12
CA VAL B 100 -9.35 -12.31 -14.97
C VAL B 100 -10.81 -12.14 -15.40
N ALA B 101 -11.03 -11.25 -16.35
CA ALA B 101 -12.38 -10.99 -16.87
C ALA B 101 -12.98 -12.26 -17.48
N MET B 102 -12.14 -13.03 -18.17
CA MET B 102 -12.58 -14.25 -18.83
C MET B 102 -12.90 -15.33 -17.79
N GLU B 103 -12.01 -15.49 -16.81
CA GLU B 103 -12.20 -16.48 -15.76
C GLU B 103 -13.41 -16.20 -14.88
N ASN B 104 -13.58 -14.93 -14.50
CA ASN B 104 -14.72 -14.52 -13.70
C ASN B 104 -16.05 -14.79 -14.40
N GLN B 105 -16.06 -14.56 -15.71
CA GLN B 105 -17.23 -14.86 -16.52
C GLN B 105 -17.53 -16.36 -16.46
N HIS B 106 -16.48 -17.16 -16.48
CA HIS B 106 -16.62 -18.61 -16.44
C HIS B 106 -17.00 -19.10 -15.04
N THR B 107 -16.37 -18.54 -14.01
CA THR B 107 -16.65 -18.91 -12.63
C THR B 107 -18.14 -18.70 -12.33
N ILE B 108 -18.65 -17.54 -12.71
CA ILE B 108 -20.06 -17.21 -12.51
C ILE B 108 -20.98 -18.17 -13.28
N ASP B 109 -20.67 -18.44 -14.54
CA ASP B 109 -21.49 -19.33 -15.36
C ASP B 109 -21.50 -20.77 -14.86
N LEU B 110 -20.33 -21.30 -14.48
CA LEU B 110 -20.26 -22.70 -14.07
C LEU B 110 -20.98 -22.89 -12.75
N ALA B 111 -21.08 -21.82 -11.96
CA ALA B 111 -21.83 -21.86 -10.72
C ALA B 111 -23.32 -21.90 -11.02
N ASP B 112 -23.75 -21.12 -12.02
CA ASP B 112 -25.13 -21.13 -12.49
C ASP B 112 -25.49 -22.50 -13.06
N SER B 113 -24.52 -23.15 -13.69
CA SER B 113 -24.73 -24.48 -14.25
C SER B 113 -25.00 -25.49 -13.14
N GLU B 114 -24.16 -25.46 -12.11
CA GLU B 114 -24.29 -26.37 -10.98
C GLU B 114 -25.66 -26.24 -10.33
N MET B 115 -26.12 -25.00 -10.17
CA MET B 115 -27.44 -24.75 -9.61
C MET B 115 -28.52 -25.40 -10.45
N ASP B 116 -28.44 -25.19 -11.77
CA ASP B 116 -29.39 -25.80 -12.71
C ASP B 116 -29.35 -27.32 -12.67
N LYS B 117 -28.15 -27.89 -12.62
CA LYS B 117 -28.00 -29.35 -12.61
C LYS B 117 -28.62 -29.97 -11.36
N LEU B 118 -28.51 -29.26 -10.24
CA LEU B 118 -29.08 -29.70 -8.98
C LEU B 118 -30.61 -29.69 -9.06
N TYR B 119 -31.14 -28.58 -9.54
CA TYR B 119 -32.58 -28.40 -9.74
C TYR B 119 -33.14 -29.45 -10.68
N GLU B 120 -32.44 -29.70 -11.77
CA GLU B 120 -32.85 -30.69 -12.76
C GLU B 120 -32.81 -32.11 -12.20
N ARG B 121 -31.84 -32.37 -11.33
CA ARG B 121 -31.70 -33.69 -10.71
C ARG B 121 -32.91 -34.01 -9.83
N VAL B 122 -33.23 -33.08 -8.94
CA VAL B 122 -34.36 -33.23 -8.03
C VAL B 122 -35.65 -33.46 -8.80
N LYS B 123 -35.80 -32.70 -9.89
CA LYS B 123 -36.97 -32.82 -10.75
C LYS B 123 -37.14 -34.24 -11.27
N ARG B 124 -36.04 -34.83 -11.74
CA ARG B 124 -36.05 -36.19 -12.26
C ARG B 124 -36.29 -37.22 -11.17
N GLN B 125 -36.01 -36.84 -9.93
CA GLN B 125 -36.25 -37.74 -8.79
C GLN B 125 -37.75 -37.80 -8.49
N LEU B 126 -38.37 -36.63 -8.45
CA LEU B 126 -39.77 -36.53 -8.04
C LEU B 126 -40.74 -37.02 -9.12
N ARG B 127 -40.23 -37.20 -10.33
CA ARG B 127 -41.02 -37.72 -11.45
C ARG B 127 -42.34 -36.97 -11.63
N GLU B 128 -43.44 -37.67 -11.42
CA GLU B 128 -44.77 -37.13 -11.63
C GLU B 128 -45.45 -36.78 -10.31
N ASN B 129 -44.66 -36.70 -9.24
CA ASN B 129 -45.21 -36.47 -7.90
C ASN B 129 -45.11 -35.02 -7.44
N ALA B 130 -44.61 -34.15 -8.32
CA ALA B 130 -44.44 -32.74 -7.95
C ALA B 130 -44.54 -31.79 -9.15
N GLU B 131 -44.72 -30.51 -8.85
CA GLU B 131 -44.78 -29.47 -9.87
C GLU B 131 -43.91 -28.29 -9.50
N GLU B 132 -43.33 -27.64 -10.50
CA GLU B 132 -42.50 -26.46 -10.27
C GLU B 132 -43.37 -25.26 -9.93
N ASP B 133 -43.02 -24.55 -8.86
CA ASP B 133 -43.84 -23.42 -8.41
C ASP B 133 -43.39 -22.10 -9.02
N GLY B 134 -42.27 -22.14 -9.75
CA GLY B 134 -41.79 -20.94 -10.42
C GLY B 134 -40.66 -20.22 -9.70
N THR B 135 -40.53 -20.45 -8.40
CA THR B 135 -39.49 -19.76 -7.62
C THR B 135 -38.26 -20.64 -7.42
N GLY B 136 -38.24 -21.80 -8.07
CA GLY B 136 -37.13 -22.73 -7.93
C GLY B 136 -37.44 -23.81 -6.91
N CYS B 137 -38.72 -23.91 -6.56
CA CYS B 137 -39.17 -24.88 -5.57
C CYS B 137 -40.07 -25.92 -6.21
N PHE B 138 -40.31 -27.01 -5.50
CA PHE B 138 -41.23 -28.04 -5.98
C PHE B 138 -42.37 -28.24 -5.00
N GLU B 139 -43.61 -28.03 -5.47
CA GLU B 139 -44.77 -28.38 -4.66
C GLU B 139 -44.93 -29.89 -4.70
N ILE B 140 -44.83 -30.52 -3.53
CA ILE B 140 -44.93 -31.97 -3.45
C ILE B 140 -46.38 -32.35 -3.15
N PHE B 141 -46.97 -33.14 -4.05
CA PHE B 141 -48.39 -33.46 -3.99
C PHE B 141 -48.71 -34.70 -3.16
N HIS B 142 -47.85 -34.98 -2.19
CA HIS B 142 -48.13 -36.00 -1.19
C HIS B 142 -47.51 -35.55 0.12
N LYS B 143 -47.71 -36.32 1.18
CA LYS B 143 -47.12 -35.96 2.46
C LYS B 143 -45.66 -36.39 2.46
N CYS B 144 -44.78 -35.43 2.73
CA CYS B 144 -43.34 -35.70 2.80
C CYS B 144 -42.78 -35.24 4.13
N ASP B 145 -42.67 -36.15 5.08
CA ASP B 145 -42.14 -35.81 6.40
C ASP B 145 -40.64 -35.57 6.32
N ASP B 146 -40.01 -35.32 7.47
CA ASP B 146 -38.58 -35.07 7.51
C ASP B 146 -37.80 -36.24 6.92
N ASP B 147 -38.27 -37.46 7.18
CA ASP B 147 -37.65 -38.66 6.66
C ASP B 147 -37.72 -38.69 5.13
N CYS B 148 -38.90 -38.35 4.60
CA CYS B 148 -39.09 -38.31 3.16
C CYS B 148 -38.25 -37.21 2.53
N MET B 149 -38.14 -36.07 3.23
CA MET B 149 -37.34 -34.95 2.73
C MET B 149 -35.85 -35.30 2.69
N ALA B 150 -35.40 -36.06 3.68
CA ALA B 150 -34.02 -36.50 3.73
C ALA B 150 -33.73 -37.49 2.61
N SER B 151 -34.75 -38.27 2.26
CA SER B 151 -34.63 -39.27 1.21
C SER B 151 -34.37 -38.64 -0.14
N ILE B 152 -34.92 -37.43 -0.34
CA ILE B 152 -34.73 -36.71 -1.58
C ILE B 152 -33.29 -36.18 -1.66
N ARG B 153 -32.80 -35.67 -0.53
CA ARG B 153 -31.48 -35.06 -0.46
C ARG B 153 -30.35 -36.06 -0.69
N ASN B 154 -30.56 -37.32 -0.31
CA ASN B 154 -29.53 -38.34 -0.48
C ASN B 154 -29.88 -39.33 -1.58
N ASN B 155 -30.84 -38.95 -2.42
CA ASN B 155 -31.20 -39.71 -3.62
C ASN B 155 -31.68 -41.14 -3.32
N THR B 156 -32.45 -41.30 -2.26
CA THR B 156 -33.01 -42.61 -1.92
C THR B 156 -34.53 -42.58 -2.03
N TYR B 157 -35.05 -41.46 -2.54
CA TYR B 157 -36.49 -41.27 -2.77
C TYR B 157 -36.96 -42.13 -3.94
N ASP B 158 -37.95 -42.98 -3.67
CA ASP B 158 -38.57 -43.79 -4.73
C ASP B 158 -39.96 -43.28 -5.05
N HIS B 159 -40.09 -42.62 -6.20
CA HIS B 159 -41.36 -42.03 -6.62
C HIS B 159 -42.47 -43.06 -6.76
N SER B 160 -42.10 -44.33 -6.86
CA SER B 160 -43.08 -45.41 -6.96
C SER B 160 -43.95 -45.49 -5.72
N LYS B 161 -43.38 -45.12 -4.59
CA LYS B 161 -44.06 -45.22 -3.30
C LYS B 161 -45.20 -44.22 -3.15
N TYR B 162 -45.06 -43.06 -3.80
CA TYR B 162 -46.00 -41.98 -3.61
C TYR B 162 -46.80 -41.63 -4.86
N ARG B 163 -46.57 -42.37 -5.94
CA ARG B 163 -47.13 -42.01 -7.24
C ARG B 163 -48.67 -42.02 -7.25
N GLU B 164 -49.27 -43.00 -6.60
CA GLU B 164 -50.73 -43.07 -6.51
C GLU B 164 -51.31 -41.86 -5.81
N GLU B 165 -50.83 -41.60 -4.60
CA GLU B 165 -51.29 -40.47 -3.80
C GLU B 165 -51.05 -39.14 -4.52
N ALA B 166 -49.92 -39.03 -5.19
CA ALA B 166 -49.55 -37.79 -5.87
C ALA B 166 -50.40 -37.49 -7.09
N MET B 167 -50.49 -38.44 -8.01
CA MET B 167 -51.26 -38.26 -9.24
C MET B 167 -52.73 -37.98 -8.93
N GLN B 168 -53.21 -38.56 -7.84
CA GLN B 168 -54.58 -38.34 -7.38
C GLN B 168 -54.82 -36.88 -7.02
N ASN B 169 -53.88 -36.29 -6.28
CA ASN B 169 -54.04 -34.91 -5.82
C ASN B 169 -53.82 -33.89 -6.92
N ARG B 170 -52.94 -34.20 -7.87
CA ARG B 170 -52.66 -33.31 -8.99
C ARG B 170 -53.86 -33.17 -9.92
N ILE B 171 -54.71 -34.20 -9.95
CA ILE B 171 -55.92 -34.16 -10.76
C ILE B 171 -57.15 -34.08 -9.86
N GLN B 172 -57.73 -32.89 -9.77
CA GLN B 172 -58.87 -32.62 -8.88
C GLN B 172 -58.57 -32.99 -7.43
N ASP C 1 -54.12 28.02 -26.98
CA ASP C 1 -54.62 29.25 -26.36
C ASP C 1 -53.68 29.76 -25.27
N LYS C 2 -53.12 28.85 -24.49
CA LYS C 2 -52.26 29.25 -23.38
C LYS C 2 -51.17 28.22 -23.08
N ILE C 3 -49.96 28.72 -22.82
CA ILE C 3 -48.85 27.87 -22.41
C ILE C 3 -48.22 28.40 -21.11
N CYS C 4 -47.97 27.51 -20.17
CA CYS C 4 -47.46 27.90 -18.86
C CYS C 4 -46.10 27.28 -18.55
N LEU C 5 -45.23 28.06 -17.92
CA LEU C 5 -43.93 27.56 -17.46
C LEU C 5 -43.98 27.29 -15.96
N GLY C 6 -43.44 26.14 -15.55
CA GLY C 6 -43.47 25.77 -14.15
C GLY C 6 -42.30 24.92 -13.71
N HIS C 7 -42.37 24.46 -12.46
CA HIS C 7 -41.33 23.64 -11.89
C HIS C 7 -41.96 22.55 -11.03
N HIS C 8 -41.24 21.46 -10.81
CA HIS C 8 -41.78 20.34 -10.07
C HIS C 8 -41.85 20.65 -8.58
N ALA C 9 -42.59 19.82 -7.85
CA ALA C 9 -42.76 19.99 -6.42
C ALA C 9 -43.23 18.69 -5.80
N VAL C 10 -43.16 18.60 -4.47
CA VAL C 10 -43.61 17.41 -3.77
C VAL C 10 -44.38 17.77 -2.50
N SER C 11 -45.10 16.79 -1.96
CA SER C 11 -45.74 16.94 -0.67
C SER C 11 -44.81 16.39 0.41
N ASN C 12 -43.73 15.78 -0.04
CA ASN C 12 -42.76 15.14 0.85
C ASN C 12 -41.50 15.98 0.96
N GLY C 13 -41.68 17.25 1.29
CA GLY C 13 -40.57 18.19 1.33
C GLY C 13 -39.71 18.02 2.57
N THR C 14 -38.42 18.30 2.43
CA THR C 14 -37.47 18.18 3.53
C THR C 14 -36.82 19.52 3.83
N LYS C 15 -36.79 19.88 5.11
CA LYS C 15 -36.36 21.20 5.56
C LYS C 15 -34.84 21.35 5.58
N VAL C 16 -34.36 22.52 5.13
CA VAL C 16 -32.94 22.84 5.23
C VAL C 16 -32.78 24.26 5.77
N ASN C 17 -31.53 24.71 5.93
CA ASN C 17 -31.27 26.05 6.43
C ASN C 17 -30.44 26.89 5.46
N THR C 18 -30.64 28.20 5.48
CA THR C 18 -29.89 29.11 4.64
C THR C 18 -29.34 30.28 5.45
N LEU C 19 -28.93 31.34 4.75
CA LEU C 19 -28.42 32.54 5.40
C LEU C 19 -29.55 33.29 6.10
N THR C 20 -30.76 33.15 5.57
CA THR C 20 -31.90 33.92 6.07
C THR C 20 -32.90 33.05 6.84
N GLU C 21 -33.26 31.91 6.28
CA GLU C 21 -34.34 31.09 6.84
C GLU C 21 -33.86 29.88 7.64
N ARG C 22 -34.70 29.44 8.58
CA ARG C 22 -34.47 28.21 9.33
C ARG C 22 -35.62 27.23 9.12
N GLY C 23 -35.36 26.19 8.34
CA GLY C 23 -36.36 25.16 8.10
C GLY C 23 -37.17 25.35 6.83
N VAL C 24 -36.58 25.97 5.82
CA VAL C 24 -37.24 26.11 4.53
C VAL C 24 -37.19 24.80 3.74
N GLU C 25 -38.36 24.35 3.28
CA GLU C 25 -38.48 23.07 2.58
C GLU C 25 -37.97 23.11 1.14
N VAL C 26 -37.13 22.13 0.79
CA VAL C 26 -36.69 21.93 -0.58
C VAL C 26 -37.12 20.56 -1.09
N VAL C 27 -36.90 20.32 -2.38
CA VAL C 27 -37.33 19.09 -3.04
C VAL C 27 -36.56 17.85 -2.57
N ASN C 28 -35.25 18.00 -2.42
CA ASN C 28 -34.38 16.87 -2.09
C ASN C 28 -33.13 17.35 -1.38
N ALA C 29 -32.71 16.63 -0.35
CA ALA C 29 -31.54 17.00 0.42
C ALA C 29 -30.72 15.77 0.81
N THR C 30 -29.49 16.01 1.24
CA THR C 30 -28.61 14.93 1.64
C THR C 30 -27.83 15.31 2.89
N GLU C 31 -27.35 14.30 3.62
CA GLU C 31 -26.64 14.56 4.86
C GLU C 31 -25.15 14.80 4.58
N THR C 32 -24.57 15.75 5.31
CA THR C 32 -23.16 16.07 5.17
C THR C 32 -22.37 15.57 6.38
N VAL C 33 -23.08 15.36 7.50
CA VAL C 33 -22.45 14.91 8.73
C VAL C 33 -22.64 13.41 8.91
N GLU C 34 -21.54 12.66 8.85
CA GLU C 34 -21.60 11.21 8.99
C GLU C 34 -21.83 10.80 10.45
N ARG C 35 -22.71 9.83 10.66
CA ARG C 35 -23.00 9.32 11.99
C ARG C 35 -23.05 7.80 12.02
N THR C 36 -22.94 7.18 10.84
CA THR C 36 -23.00 5.73 10.76
C THR C 36 -21.63 5.14 11.11
N ASN C 37 -21.59 4.38 12.19
CA ASN C 37 -20.34 3.79 12.67
C ASN C 37 -20.26 2.30 12.39
N ILE C 38 -19.06 1.84 12.06
CA ILE C 38 -18.81 0.42 11.90
C ILE C 38 -18.00 -0.08 13.08
N PRO C 39 -18.69 -0.76 14.03
CA PRO C 39 -18.05 -1.22 15.28
C PRO C 39 -17.04 -2.34 15.06
N ARG C 40 -16.22 -2.21 14.03
CA ARG C 40 -15.12 -3.14 13.75
C ARG C 40 -13.92 -2.35 13.26
N ILE C 41 -12.78 -3.04 13.13
CA ILE C 41 -11.59 -2.40 12.57
C ILE C 41 -11.29 -2.93 11.18
N CYS C 42 -11.70 -2.17 10.17
CA CYS C 42 -11.49 -2.55 8.78
C CYS C 42 -10.00 -2.56 8.44
N SER C 43 -9.43 -3.76 8.36
CA SER C 43 -7.99 -3.93 8.23
C SER C 43 -7.53 -4.48 6.88
N LYS C 44 -8.46 -4.58 5.92
CA LYS C 44 -8.12 -5.12 4.61
C LYS C 44 -7.03 -4.31 3.92
N GLY C 45 -6.01 -5.00 3.41
CA GLY C 45 -4.93 -4.35 2.69
C GLY C 45 -3.81 -3.92 3.61
N LYS C 46 -4.12 -3.79 4.90
CA LYS C 46 -3.12 -3.38 5.88
C LYS C 46 -2.71 -4.52 6.80
N ARG C 47 -1.40 -4.72 6.93
CA ARG C 47 -0.86 -5.69 7.87
C ARG C 47 -1.10 -5.24 9.30
N THR C 48 -1.90 -6.02 10.03
CA THR C 48 -2.39 -5.57 11.33
C THR C 48 -1.97 -6.53 12.44
N VAL C 49 -1.51 -5.97 13.56
CA VAL C 49 -1.19 -6.75 14.74
C VAL C 49 -2.05 -6.29 15.93
N ASP C 50 -2.68 -7.25 16.60
CA ASP C 50 -3.50 -6.95 17.76
C ASP C 50 -2.76 -7.32 19.05
N LEU C 51 -2.14 -6.33 19.67
CA LEU C 51 -1.25 -6.54 20.81
C LEU C 51 -1.92 -7.25 21.99
N GLY C 52 -3.24 -7.11 22.11
CA GLY C 52 -3.97 -7.76 23.18
C GLY C 52 -3.50 -7.34 24.55
N GLN C 53 -2.89 -8.27 25.28
CA GLN C 53 -2.43 -8.02 26.64
C GLN C 53 -1.02 -7.44 26.66
N CYS C 54 -0.41 -7.36 25.48
CA CYS C 54 0.91 -6.75 25.35
C CYS C 54 0.82 -5.25 25.16
N GLY C 55 1.51 -4.50 25.99
CA GLY C 55 1.62 -3.05 25.80
C GLY C 55 2.61 -2.74 24.70
N LEU C 56 2.41 -1.62 24.01
CA LEU C 56 3.24 -1.25 22.88
C LEU C 56 4.71 -1.09 23.27
N LEU C 57 4.95 -0.52 24.45
CA LEU C 57 6.30 -0.32 24.95
C LEU C 57 6.91 -1.64 25.43
N GLY C 58 6.04 -2.61 25.71
CA GLY C 58 6.49 -3.94 26.11
C GLY C 58 7.18 -4.65 24.97
N THR C 59 6.88 -4.24 23.75
CA THR C 59 7.50 -4.86 22.58
C THR C 59 9.01 -4.61 22.56
N ILE C 60 9.46 -3.55 23.22
CA ILE C 60 10.87 -3.19 23.23
C ILE C 60 11.67 -3.93 24.32
N THR C 61 11.12 -3.96 25.53
CA THR C 61 11.81 -4.60 26.66
C THR C 61 11.55 -6.09 26.68
N GLY C 62 10.33 -6.48 26.32
CA GLY C 62 9.98 -7.88 26.17
C GLY C 62 9.52 -8.62 27.40
N PRO C 63 8.36 -8.23 27.97
CA PRO C 63 7.74 -9.07 28.98
C PRO C 63 7.16 -10.33 28.33
N PRO C 64 6.73 -11.31 29.14
CA PRO C 64 6.12 -12.52 28.58
C PRO C 64 4.99 -12.23 27.58
N GLN C 65 4.14 -11.25 27.90
CA GLN C 65 2.99 -10.92 27.07
C GLN C 65 3.35 -10.54 25.64
N CYS C 66 4.57 -10.03 25.46
CA CYS C 66 4.96 -9.44 24.17
C CYS C 66 5.96 -10.31 23.40
N ASP C 67 6.13 -11.55 23.85
CA ASP C 67 7.11 -12.47 23.26
C ASP C 67 6.90 -12.71 21.76
N GLN C 68 5.67 -12.58 21.29
CA GLN C 68 5.37 -12.78 19.87
C GLN C 68 5.72 -11.54 19.05
N PHE C 69 5.71 -10.38 19.69
CA PHE C 69 5.84 -9.10 18.99
C PHE C 69 7.20 -8.45 19.18
N LEU C 70 8.20 -9.24 19.57
CA LEU C 70 9.54 -8.70 19.83
C LEU C 70 10.17 -8.09 18.58
N GLU C 71 9.80 -8.62 17.42
CA GLU C 71 10.29 -8.10 16.15
C GLU C 71 9.14 -8.05 15.17
N PHE C 72 7.99 -7.55 15.63
CA PHE C 72 6.78 -7.57 14.83
C PHE C 72 6.85 -6.58 13.68
N SER C 73 6.01 -6.80 12.68
CA SER C 73 5.95 -5.94 11.51
C SER C 73 4.49 -5.70 11.17
N ALA C 74 4.11 -4.44 10.97
CA ALA C 74 2.71 -4.13 10.70
C ALA C 74 2.51 -2.81 9.97
N ASP C 75 1.35 -2.68 9.35
CA ASP C 75 0.91 -1.43 8.75
C ASP C 75 -0.01 -0.74 9.74
N LEU C 76 -0.82 -1.54 10.43
CA LEU C 76 -1.73 -1.04 11.45
C LEU C 76 -1.48 -1.71 12.80
N ILE C 77 -1.36 -0.88 13.84
CA ILE C 77 -1.08 -1.36 15.18
C ILE C 77 -2.24 -1.01 16.12
N ILE C 78 -2.71 -2.00 16.86
CA ILE C 78 -3.84 -1.78 17.76
C ILE C 78 -3.46 -2.03 19.21
N GLU C 79 -3.67 -1.03 20.06
CA GLU C 79 -3.44 -1.20 21.48
C GLU C 79 -4.76 -1.57 22.15
N ARG C 80 -4.69 -2.46 23.13
CA ARG C 80 -5.86 -2.85 23.88
C ARG C 80 -5.76 -2.35 25.31
N ARG C 81 -6.90 -2.08 25.92
CA ARG C 81 -6.95 -1.53 27.26
C ARG C 81 -6.32 -2.49 28.28
N GLU C 82 -6.47 -3.79 28.01
CA GLU C 82 -5.91 -4.82 28.87
C GLU C 82 -4.39 -4.93 28.72
N GLY C 83 -3.85 -4.27 27.70
CA GLY C 83 -2.42 -4.30 27.44
C GLY C 83 -1.57 -3.79 28.58
N SER C 84 -0.32 -4.25 28.65
CA SER C 84 0.60 -3.82 29.69
C SER C 84 2.04 -3.84 29.20
N ASP C 85 2.78 -2.78 29.53
CA ASP C 85 4.18 -2.64 29.12
C ASP C 85 5.12 -3.36 30.06
N VAL C 86 4.59 -3.97 31.11
CA VAL C 86 5.40 -4.33 32.26
C VAL C 86 5.04 -5.68 32.86
N CYS C 87 6.07 -6.42 33.28
CA CYS C 87 5.92 -7.60 34.12
C CYS C 87 6.35 -7.22 35.53
N TYR C 88 7.65 -6.99 35.70
CA TYR C 88 8.13 -6.39 36.94
C TYR C 88 7.66 -4.94 36.97
N PRO C 89 6.92 -4.56 38.03
CA PRO C 89 6.30 -3.24 38.18
C PRO C 89 7.24 -2.08 37.86
N GLY C 90 6.77 -1.15 37.04
CA GLY C 90 7.56 0.00 36.67
C GLY C 90 6.89 0.80 35.57
N LYS C 91 7.56 1.85 35.12
CA LYS C 91 7.03 2.67 34.04
C LYS C 91 8.15 3.36 33.26
N PHE C 92 7.86 3.75 32.03
CA PHE C 92 8.82 4.43 31.19
C PHE C 92 8.82 5.94 31.47
N VAL C 93 9.99 6.56 31.36
CA VAL C 93 10.08 8.01 31.39
C VAL C 93 9.86 8.51 29.96
N ASN C 94 9.04 9.56 29.82
CA ASN C 94 8.62 10.05 28.52
C ASN C 94 7.96 8.93 27.71
N GLU C 95 7.07 8.21 28.38
CA GLU C 95 6.44 7.02 27.83
C GLU C 95 5.61 7.29 26.58
N GLU C 96 4.83 8.36 26.62
CA GLU C 96 3.86 8.64 25.56
C GLU C 96 4.57 9.03 24.27
N ALA C 97 5.63 9.81 24.40
CA ALA C 97 6.45 10.18 23.26
C ALA C 97 6.99 8.95 22.55
N LEU C 98 7.49 8.00 23.35
CA LEU C 98 8.01 6.74 22.81
C LEU C 98 6.90 5.96 22.12
N ARG C 99 5.72 5.94 22.72
CA ARG C 99 4.56 5.27 22.15
C ARG C 99 4.26 5.80 20.75
N GLN C 100 4.21 7.12 20.63
CA GLN C 100 3.92 7.78 19.36
C GLN C 100 4.93 7.42 18.28
N ILE C 101 6.18 7.23 18.69
CA ILE C 101 7.24 6.85 17.76
C ILE C 101 6.99 5.44 17.24
N LEU C 102 6.63 4.53 18.15
CA LEU C 102 6.43 3.14 17.81
C LEU C 102 5.14 2.94 17.01
N ARG C 103 4.19 3.84 17.19
CA ARG C 103 2.91 3.75 16.48
C ARG C 103 3.11 3.94 14.97
N GLU C 104 4.13 4.71 14.60
CA GLU C 104 4.40 4.98 13.20
C GLU C 104 5.77 4.43 12.80
N SER C 105 6.21 3.39 13.51
CA SER C 105 7.50 2.78 13.27
C SER C 105 7.44 1.74 12.15
N GLY C 106 6.26 1.15 11.97
CA GLY C 106 6.10 0.07 11.02
C GLY C 106 6.50 -1.25 11.63
N GLY C 107 6.72 -1.25 12.93
CA GLY C 107 7.22 -2.41 13.64
C GLY C 107 8.68 -2.22 13.99
N ILE C 108 9.30 -3.23 14.59
CA ILE C 108 10.69 -3.09 15.04
C ILE C 108 11.59 -4.24 14.61
N ASP C 109 12.84 -3.89 14.33
CA ASP C 109 13.90 -4.87 14.07
C ASP C 109 14.86 -4.87 15.23
N LYS C 110 15.14 -6.04 15.79
CA LYS C 110 16.01 -6.12 16.95
C LYS C 110 17.39 -6.62 16.56
N GLU C 111 18.41 -6.11 17.25
CA GLU C 111 19.79 -6.46 16.97
C GLU C 111 20.61 -6.44 18.25
N ALA C 112 21.34 -7.52 18.49
CA ALA C 112 22.19 -7.65 19.69
C ALA C 112 23.18 -6.51 19.80
N MET C 113 23.28 -5.93 20.99
CA MET C 113 24.23 -4.86 21.25
C MET C 113 25.57 -5.45 21.67
N GLY C 114 25.56 -6.72 22.03
CA GLY C 114 26.79 -7.45 22.30
C GLY C 114 27.57 -7.04 23.53
N PHE C 115 26.88 -6.84 24.65
CA PHE C 115 27.56 -6.58 25.91
C PHE C 115 28.06 -7.87 26.57
N THR C 116 29.28 -7.84 27.08
CA THR C 116 29.89 -8.98 27.76
C THR C 116 30.33 -8.59 29.16
N TYR C 117 30.26 -9.55 30.09
CA TYR C 117 30.49 -9.24 31.50
C TYR C 117 31.45 -10.22 32.18
N SER C 118 32.08 -9.78 33.27
CA SER C 118 33.10 -10.57 33.95
C SER C 118 32.66 -11.08 35.33
N GLY C 119 33.13 -10.44 36.39
CA GLY C 119 32.87 -10.90 37.74
C GLY C 119 31.52 -10.42 38.24
N ILE C 120 30.46 -11.03 37.71
CA ILE C 120 29.11 -10.50 37.84
C ILE C 120 28.07 -11.52 37.37
N ARG C 121 26.90 -11.52 38.02
CA ARG C 121 25.77 -12.34 37.57
C ARG C 121 24.90 -11.59 36.58
N THR C 122 24.33 -12.31 35.60
CA THR C 122 23.43 -11.70 34.63
C THR C 122 22.05 -12.37 34.62
N ASN C 123 21.90 -13.43 35.42
CA ASN C 123 20.69 -14.24 35.37
C ASN C 123 19.57 -13.77 36.28
N GLY C 124 19.50 -12.46 36.53
CA GLY C 124 18.46 -11.89 37.35
C GLY C 124 17.07 -12.25 36.87
N ALA C 125 16.25 -12.79 37.77
CA ALA C 125 14.90 -13.20 37.42
C ALA C 125 13.91 -12.84 38.53
N THR C 126 12.63 -12.79 38.18
CA THR C 126 11.58 -12.49 39.15
C THR C 126 10.33 -13.33 38.92
N SER C 127 9.51 -13.44 39.96
CA SER C 127 8.25 -14.16 39.88
C SER C 127 7.22 -13.41 39.04
N ALA C 128 7.41 -12.10 38.89
CA ALA C 128 6.46 -11.26 38.17
C ALA C 128 6.53 -11.48 36.67
N CYS C 129 7.67 -11.98 36.21
CA CYS C 129 7.85 -12.29 34.80
C CYS C 129 7.92 -13.79 34.63
N ARG C 130 6.81 -14.48 34.87
CA ARG C 130 6.84 -15.94 34.82
C ARG C 130 6.86 -16.44 33.37
N ARG C 131 7.77 -17.37 33.13
CA ARG C 131 7.94 -18.01 31.83
C ARG C 131 8.48 -19.39 32.13
N SER C 132 7.59 -20.38 32.11
CA SER C 132 7.84 -21.69 32.72
C SER C 132 8.03 -21.47 34.22
N GLY C 133 9.21 -20.99 34.60
CA GLY C 133 9.48 -20.60 35.97
C GLY C 133 9.62 -19.10 36.04
N SER C 134 10.29 -18.60 37.08
CA SER C 134 10.58 -17.17 37.17
C SER C 134 11.53 -16.75 36.05
N SER C 135 11.39 -15.51 35.60
CA SER C 135 12.23 -15.00 34.52
C SER C 135 12.33 -13.49 34.55
N PHE C 136 12.64 -12.89 33.40
CA PHE C 136 12.85 -11.45 33.32
C PHE C 136 12.56 -10.96 31.90
N TYR C 137 12.60 -9.65 31.69
CA TYR C 137 12.47 -9.06 30.37
C TYR C 137 13.41 -9.73 29.37
N ALA C 138 12.87 -10.10 28.21
CA ALA C 138 13.61 -10.86 27.20
C ALA C 138 14.77 -10.08 26.59
N GLU C 139 14.59 -8.77 26.48
CA GLU C 139 15.57 -7.93 25.79
C GLU C 139 16.53 -7.27 26.77
N MET C 140 16.36 -7.57 28.06
CA MET C 140 17.15 -6.92 29.10
C MET C 140 17.96 -7.91 29.91
N LYS C 141 18.93 -7.39 30.66
CA LYS C 141 19.78 -8.22 31.50
C LYS C 141 19.86 -7.62 32.90
N TRP C 142 19.34 -8.37 33.87
CA TRP C 142 19.38 -7.93 35.26
C TRP C 142 20.73 -8.28 35.89
N LEU C 143 21.57 -7.26 36.05
CA LEU C 143 22.91 -7.45 36.58
C LEU C 143 22.93 -7.39 38.10
N LEU C 144 23.59 -8.36 38.73
CA LEU C 144 23.75 -8.39 40.18
C LEU C 144 25.22 -8.41 40.57
N SER C 145 25.49 -8.42 41.86
CA SER C 145 26.85 -8.40 42.35
C SER C 145 27.58 -9.68 41.96
N ASN C 146 27.30 -10.76 42.69
CA ASN C 146 27.90 -12.07 42.39
C ASN C 146 27.39 -13.16 43.32
N THR C 147 27.46 -12.92 44.62
CA THR C 147 27.04 -13.89 45.62
C THR C 147 25.91 -13.33 46.49
N ASP C 148 26.20 -12.21 47.16
CA ASP C 148 25.29 -11.50 48.05
C ASP C 148 26.07 -10.41 48.77
N ASN C 149 25.51 -9.20 48.81
CA ASN C 149 26.15 -8.06 49.49
C ASN C 149 27.53 -7.66 48.93
N ALA C 150 28.05 -8.45 48.00
CA ALA C 150 29.37 -8.19 47.43
C ALA C 150 29.36 -6.89 46.66
N ALA C 151 30.53 -6.26 46.53
CA ALA C 151 30.62 -4.98 45.85
C ALA C 151 30.39 -5.17 44.36
N PHE C 152 29.65 -4.25 43.76
CA PHE C 152 29.44 -4.29 42.32
C PHE C 152 30.54 -3.49 41.64
N PRO C 153 31.32 -4.16 40.80
CA PRO C 153 32.44 -3.52 40.09
C PRO C 153 31.98 -2.37 39.21
N GLN C 154 32.70 -1.25 39.25
CA GLN C 154 32.41 -0.14 38.35
C GLN C 154 32.65 -0.61 36.93
N MET C 155 31.66 -0.39 36.06
CA MET C 155 31.77 -0.85 34.68
C MET C 155 31.47 0.26 33.68
N THR C 156 31.97 0.07 32.47
CA THR C 156 31.72 0.99 31.38
C THR C 156 31.50 0.20 30.09
N LYS C 157 30.28 0.27 29.57
CA LYS C 157 29.93 -0.42 28.34
C LYS C 157 29.48 0.59 27.29
N SER C 158 29.90 0.38 26.05
CA SER C 158 29.53 1.27 24.97
C SER C 158 29.04 0.51 23.74
N TYR C 159 28.17 1.16 22.98
CA TYR C 159 27.62 0.58 21.76
C TYR C 159 27.58 1.61 20.65
N LYS C 160 27.99 1.21 19.45
CA LYS C 160 28.00 2.10 18.31
C LYS C 160 26.97 1.66 17.26
N ASN C 161 26.19 2.60 16.77
CA ASN C 161 25.19 2.31 15.75
C ASN C 161 25.80 2.36 14.37
N THR C 162 26.10 1.17 13.83
CA THR C 162 26.73 1.07 12.52
C THR C 162 25.67 0.92 11.41
N ARG C 163 24.46 1.40 11.69
CA ARG C 163 23.38 1.32 10.72
C ARG C 163 22.94 2.71 10.28
N LYS C 164 22.13 2.76 9.23
CA LYS C 164 21.75 4.02 8.61
C LYS C 164 20.45 4.57 9.18
N SER C 165 19.96 3.93 10.24
CA SER C 165 18.76 4.37 10.93
C SER C 165 19.08 4.65 12.39
N PRO C 166 18.34 5.57 13.02
CA PRO C 166 18.53 5.82 14.44
C PRO C 166 18.25 4.58 15.26
N ALA C 167 18.99 4.37 16.35
CA ALA C 167 18.80 3.18 17.16
C ALA C 167 18.01 3.49 18.42
N LEU C 168 16.99 2.67 18.68
CA LEU C 168 16.19 2.85 19.88
C LEU C 168 16.80 2.03 21.01
N ILE C 169 17.45 2.72 21.93
CA ILE C 169 18.10 2.05 23.06
C ILE C 169 17.36 2.31 24.36
N VAL C 170 17.23 1.26 25.18
CA VAL C 170 16.52 1.33 26.44
C VAL C 170 17.37 0.75 27.56
N TRP C 171 17.30 1.34 28.74
CA TRP C 171 18.01 0.80 29.89
C TRP C 171 17.20 1.10 31.13
N GLY C 172 17.41 0.35 32.20
CA GLY C 172 16.59 0.47 33.39
C GLY C 172 17.34 0.75 34.66
N ILE C 173 16.66 1.42 35.58
CA ILE C 173 17.16 1.64 36.93
C ILE C 173 16.30 0.84 37.89
N HIS C 174 16.93 0.06 38.75
CA HIS C 174 16.19 -0.79 39.67
C HIS C 174 16.08 -0.15 41.03
N HIS C 175 14.85 0.04 41.50
CA HIS C 175 14.61 0.58 42.82
C HIS C 175 14.15 -0.52 43.76
N SER C 176 15.05 -0.96 44.62
CA SER C 176 14.75 -2.04 45.56
C SER C 176 13.76 -1.58 46.62
N VAL C 177 13.14 -2.53 47.31
CA VAL C 177 12.14 -2.22 48.33
C VAL C 177 12.76 -1.59 49.58
N SER C 178 14.07 -1.77 49.73
CA SER C 178 14.79 -1.23 50.88
C SER C 178 16.27 -1.07 50.55
N THR C 179 16.96 -0.27 51.36
CA THR C 179 18.40 -0.13 51.19
C THR C 179 19.08 -1.45 51.53
N ALA C 180 18.40 -2.24 52.36
CA ALA C 180 18.86 -3.58 52.69
C ALA C 180 18.88 -4.46 51.45
N GLU C 181 17.76 -4.46 50.73
CA GLU C 181 17.63 -5.28 49.53
C GLU C 181 18.56 -4.80 48.41
N GLN C 182 18.76 -3.49 48.33
CA GLN C 182 19.65 -2.92 47.33
C GLN C 182 21.09 -3.36 47.57
N THR C 183 21.50 -3.38 48.84
CA THR C 183 22.83 -3.80 49.21
C THR C 183 23.02 -5.30 48.95
N LYS C 184 21.97 -6.05 49.23
CA LYS C 184 21.97 -7.49 49.02
C LYS C 184 22.25 -7.83 47.55
N LEU C 185 21.79 -6.96 46.66
CA LEU C 185 21.94 -7.19 45.22
C LEU C 185 23.20 -6.57 44.64
N TYR C 186 23.48 -5.32 44.97
CA TYR C 186 24.54 -4.58 44.31
C TYR C 186 25.64 -4.12 45.26
N GLY C 187 25.48 -4.40 46.55
CA GLY C 187 26.48 -4.02 47.53
C GLY C 187 26.20 -2.71 48.23
N SER C 188 27.01 -2.40 49.23
CA SER C 188 26.83 -1.21 50.05
C SER C 188 27.16 0.07 49.28
N GLY C 189 27.09 1.19 49.97
CA GLY C 189 27.50 2.46 49.39
C GLY C 189 26.50 3.00 48.38
N ASN C 190 26.70 4.25 47.97
CA ASN C 190 25.85 4.88 46.98
C ASN C 190 26.11 4.31 45.58
N LYS C 191 25.09 4.39 44.73
CA LYS C 191 25.17 3.80 43.39
C LYS C 191 24.86 4.87 42.34
N LEU C 192 25.58 4.85 41.23
CA LEU C 192 25.38 5.85 40.19
C LEU C 192 25.38 5.23 38.79
N VAL C 193 24.47 5.70 37.94
CA VAL C 193 24.42 5.29 36.54
C VAL C 193 24.44 6.53 35.63
N THR C 194 25.47 6.66 34.81
CA THR C 194 25.55 7.77 33.87
C THR C 194 25.46 7.29 32.43
N VAL C 195 24.67 7.99 31.62
CA VAL C 195 24.48 7.63 30.22
C VAL C 195 24.84 8.80 29.31
N GLY C 196 25.91 8.64 28.53
CA GLY C 196 26.39 9.71 27.68
C GLY C 196 26.35 9.39 26.20
N SER C 197 25.97 10.39 25.42
CA SER C 197 25.96 10.26 23.96
C SER C 197 26.69 11.45 23.36
N SER C 198 26.44 11.73 22.07
CA SER C 198 27.02 12.90 21.42
C SER C 198 25.92 13.95 21.31
N ASN C 199 24.75 13.60 21.79
CA ASN C 199 23.56 14.44 21.70
C ASN C 199 22.73 14.29 22.99
N TYR C 200 23.17 13.36 23.84
CA TYR C 200 22.45 13.05 25.06
C TYR C 200 23.40 12.94 26.23
N GLN C 201 22.99 13.43 27.39
CA GLN C 201 23.75 13.27 28.63
C GLN C 201 22.84 13.37 29.84
N GLN C 202 22.89 12.34 30.69
CA GLN C 202 22.01 12.24 31.84
C GLN C 202 22.73 11.52 32.96
N SER C 203 22.09 11.48 34.13
CA SER C 203 22.63 10.73 35.25
C SER C 203 21.51 10.19 36.11
N PHE C 204 21.75 9.05 36.75
CA PHE C 204 20.69 8.39 37.50
C PHE C 204 21.17 7.78 38.80
N VAL C 205 20.32 7.87 39.82
CA VAL C 205 20.61 7.29 41.12
C VAL C 205 19.41 6.44 41.53
N PRO C 206 19.69 5.29 42.14
CA PRO C 206 18.59 4.44 42.61
C PRO C 206 17.90 5.04 43.81
N SER C 207 16.69 4.58 44.09
CA SER C 207 15.91 5.14 45.18
C SER C 207 15.17 4.04 45.92
N PRO C 208 15.90 3.26 46.72
CA PRO C 208 15.28 2.15 47.45
C PRO C 208 14.28 2.66 48.48
N GLY C 209 13.15 1.98 48.60
CA GLY C 209 12.11 2.40 49.52
C GLY C 209 10.85 1.58 49.33
N ALA C 210 9.98 1.59 50.33
CA ALA C 210 8.76 0.81 50.26
C ALA C 210 7.74 1.44 49.32
N ARG C 211 7.28 0.65 48.36
CA ARG C 211 6.22 1.06 47.45
C ARG C 211 5.01 0.16 47.68
N PRO C 212 3.84 0.54 47.14
CA PRO C 212 2.70 -0.38 47.21
C PRO C 212 2.98 -1.64 46.40
N GLN C 213 2.34 -2.75 46.75
CA GLN C 213 2.59 -4.00 46.04
C GLN C 213 1.87 -4.06 44.70
N VAL C 214 2.65 -4.15 43.63
CA VAL C 214 2.11 -4.39 42.30
C VAL C 214 2.68 -5.71 41.79
N ASN C 215 1.79 -6.64 41.44
CA ASN C 215 2.17 -8.00 41.06
C ASN C 215 2.94 -8.68 42.19
N GLY C 216 2.58 -8.35 43.42
CA GLY C 216 3.20 -8.94 44.59
C GLY C 216 4.56 -8.33 44.92
N LEU C 217 4.93 -7.27 44.21
CA LEU C 217 6.24 -6.67 44.40
C LEU C 217 6.14 -5.19 44.77
N SER C 218 7.00 -4.78 45.70
CA SER C 218 7.07 -3.39 46.12
C SER C 218 8.30 -2.74 45.51
N GLY C 219 9.04 -3.52 44.74
CA GLY C 219 10.18 -3.00 44.02
C GLY C 219 9.72 -2.42 42.68
N ARG C 220 10.48 -1.45 42.18
CA ARG C 220 10.16 -0.81 40.91
C ARG C 220 11.35 -0.78 39.96
N ILE C 221 11.14 -1.15 38.70
CA ILE C 221 12.12 -0.94 37.65
C ILE C 221 11.66 0.17 36.71
N ASP C 222 12.42 1.26 36.65
CA ASP C 222 12.06 2.37 35.77
C ASP C 222 12.92 2.37 34.51
N PHE C 223 12.28 2.61 33.36
CA PHE C 223 12.96 2.52 32.08
C PHE C 223 13.24 3.88 31.45
N HIS C 224 14.41 4.00 30.84
CA HIS C 224 14.78 5.20 30.12
C HIS C 224 15.18 4.84 28.69
N TRP C 225 15.06 5.80 27.78
CA TRP C 225 15.36 5.54 26.38
C TRP C 225 15.93 6.76 25.66
N LEU C 226 16.61 6.51 24.56
CA LEU C 226 17.09 7.56 23.67
C LEU C 226 17.15 7.01 22.25
N MET C 227 17.13 7.91 21.27
CA MET C 227 17.39 7.50 19.90
C MET C 227 18.86 7.75 19.61
N LEU C 228 19.55 6.73 19.13
CA LEU C 228 20.97 6.85 18.85
C LEU C 228 21.19 7.09 17.37
N ASN C 229 21.74 8.25 17.04
CA ASN C 229 22.02 8.61 15.66
C ASN C 229 23.01 7.63 15.03
N PRO C 230 22.92 7.46 13.70
CA PRO C 230 23.88 6.63 12.96
C PRO C 230 25.33 7.04 13.23
N ASN C 231 26.21 6.05 13.38
CA ASN C 231 27.64 6.25 13.60
C ASN C 231 27.95 6.90 14.96
N ASP C 232 26.92 7.21 15.74
CA ASP C 232 27.12 7.77 17.07
C ASP C 232 27.22 6.66 18.12
N THR C 233 27.70 7.01 19.31
CA THR C 233 27.96 6.02 20.36
C THR C 233 27.29 6.39 21.67
N VAL C 234 26.76 5.39 22.38
CA VAL C 234 26.30 5.56 23.75
C VAL C 234 27.24 4.85 24.70
N THR C 235 27.52 5.45 25.85
CA THR C 235 28.37 4.84 26.85
C THR C 235 27.64 4.73 28.18
N PHE C 236 27.65 3.54 28.77
CA PHE C 236 27.01 3.32 30.05
C PHE C 236 28.05 3.14 31.16
N SER C 237 28.04 4.04 32.14
CA SER C 237 28.88 3.87 33.32
C SER C 237 27.96 3.67 34.52
N PHE C 238 28.21 2.61 35.27
CA PHE C 238 27.31 2.21 36.35
C PHE C 238 28.04 1.36 37.38
N ASN C 239 27.43 1.22 38.55
CA ASN C 239 27.99 0.41 39.63
C ASN C 239 26.93 -0.36 40.39
N GLY C 240 25.76 -0.55 39.76
CA GLY C 240 24.69 -1.30 40.39
C GLY C 240 23.32 -0.75 40.05
N ALA C 241 22.29 -1.51 40.42
CA ALA C 241 20.89 -1.11 40.20
C ALA C 241 20.63 -0.77 38.75
N PHE C 242 21.39 -1.39 37.84
CA PHE C 242 21.31 -1.08 36.42
C PHE C 242 20.75 -2.24 35.64
N ILE C 243 19.65 -1.99 34.92
CA ILE C 243 19.10 -2.98 34.02
C ILE C 243 19.61 -2.73 32.61
N ALA C 244 20.54 -3.58 32.16
CA ALA C 244 21.22 -3.38 30.90
C ALA C 244 20.40 -3.94 29.74
N PRO C 245 20.50 -3.28 28.58
CA PRO C 245 19.90 -3.81 27.35
C PRO C 245 20.77 -4.88 26.71
N ASP C 246 20.15 -5.84 26.04
CA ASP C 246 20.89 -6.87 25.33
C ASP C 246 20.82 -6.61 23.83
N ARG C 247 19.70 -6.02 23.40
CA ARG C 247 19.49 -5.73 21.99
C ARG C 247 18.95 -4.32 21.79
N ALA C 248 19.23 -3.75 20.63
CA ALA C 248 18.69 -2.45 20.27
C ALA C 248 17.48 -2.66 19.35
N SER C 249 16.71 -1.60 19.13
CA SER C 249 15.53 -1.69 18.29
C SER C 249 15.67 -0.77 17.08
N PHE C 250 15.19 -1.23 15.94
CA PHE C 250 15.19 -0.39 14.75
C PHE C 250 13.81 -0.38 14.08
N LEU C 251 13.34 0.83 13.77
CA LEU C 251 12.02 1.01 13.18
C LEU C 251 12.00 0.45 11.77
N ARG C 252 10.97 -0.32 11.44
CA ARG C 252 10.91 -1.01 10.16
C ARG C 252 10.56 -0.06 9.01
N GLY C 253 9.60 0.83 9.25
CA GLY C 253 9.20 1.77 8.22
C GLY C 253 8.12 2.75 8.65
N LYS C 254 6.93 2.58 8.09
CA LYS C 254 5.82 3.49 8.33
C LYS C 254 4.56 2.73 8.72
N SER C 255 3.82 3.26 9.69
CA SER C 255 2.57 2.64 10.14
C SER C 255 1.69 3.62 10.88
N MET C 256 0.63 3.11 11.51
CA MET C 256 -0.28 3.93 12.31
C MET C 256 -0.86 3.11 13.45
N GLY C 257 -0.89 3.71 14.64
CA GLY C 257 -1.37 3.02 15.82
C GLY C 257 -2.67 3.61 16.34
N ILE C 258 -3.55 2.74 16.82
CA ILE C 258 -4.83 3.16 17.40
C ILE C 258 -5.10 2.49 18.74
N GLN C 259 -6.08 3.01 19.46
CA GLN C 259 -6.58 2.38 20.68
C GLN C 259 -8.04 1.99 20.47
N SER C 260 -8.30 0.69 20.39
CA SER C 260 -9.65 0.23 20.08
C SER C 260 -10.20 -0.75 21.12
N GLY C 261 -11.51 -0.86 21.16
CA GLY C 261 -12.18 -1.79 22.05
C GLY C 261 -13.13 -2.70 21.28
N VAL C 262 -12.96 -2.75 19.97
CA VAL C 262 -13.81 -3.59 19.12
C VAL C 262 -12.96 -4.52 18.26
N GLN C 263 -13.58 -5.57 17.76
CA GLN C 263 -12.87 -6.64 17.04
C GLN C 263 -12.23 -6.17 15.74
N VAL C 264 -11.34 -7.00 15.20
CA VAL C 264 -10.72 -6.73 13.91
C VAL C 264 -11.49 -7.43 12.80
N ASP C 265 -11.71 -6.74 11.70
CA ASP C 265 -12.34 -7.33 10.53
C ASP C 265 -11.38 -7.19 9.35
N ALA C 266 -11.17 -8.29 8.62
CA ALA C 266 -10.16 -8.31 7.57
C ALA C 266 -10.76 -8.16 6.18
N ASN C 267 -12.08 -8.17 6.10
CA ASN C 267 -12.76 -8.06 4.81
C ASN C 267 -13.04 -6.60 4.41
N CYS C 268 -13.45 -5.78 5.38
CA CYS C 268 -13.74 -4.38 5.09
C CYS C 268 -12.46 -3.56 5.02
N GLU C 269 -12.45 -2.57 4.13
CA GLU C 269 -11.29 -1.70 3.96
C GLU C 269 -11.60 -0.30 4.48
N GLY C 270 -10.71 0.23 5.32
CA GLY C 270 -10.94 1.53 5.93
C GLY C 270 -9.68 2.37 6.03
N ASP C 271 -9.85 3.63 6.46
CA ASP C 271 -8.74 4.56 6.58
C ASP C 271 -8.97 5.58 7.69
N CYS C 272 -10.17 5.58 8.25
CA CYS C 272 -10.47 6.45 9.40
C CYS C 272 -10.89 5.61 10.59
N TYR C 273 -10.20 5.76 11.70
CA TYR C 273 -10.43 4.92 12.88
C TYR C 273 -10.69 5.72 14.15
N HIS C 274 -11.42 5.10 15.07
CA HIS C 274 -11.59 5.60 16.42
C HIS C 274 -11.76 4.40 17.36
N SER C 275 -11.85 4.67 18.66
CA SER C 275 -11.88 3.62 19.67
C SER C 275 -13.07 2.67 19.52
N GLY C 276 -14.11 3.13 18.84
CA GLY C 276 -15.33 2.35 18.71
C GLY C 276 -15.52 1.73 17.34
N GLY C 277 -14.57 1.95 16.43
CA GLY C 277 -14.63 1.31 15.13
C GLY C 277 -14.03 2.11 13.97
N THR C 278 -14.51 1.82 12.76
CA THR C 278 -14.00 2.44 11.55
C THR C 278 -15.06 3.31 10.88
N ILE C 279 -14.67 4.53 10.51
CA ILE C 279 -15.56 5.45 9.80
C ILE C 279 -15.28 5.46 8.31
N ILE C 280 -16.21 4.93 7.53
CA ILE C 280 -16.11 4.95 6.07
C ILE C 280 -17.21 5.81 5.46
N SER C 281 -16.83 6.95 4.91
CA SER C 281 -17.79 7.93 4.40
C SER C 281 -17.14 8.94 3.48
N ASN C 282 -17.87 9.34 2.44
CA ASN C 282 -17.41 10.38 1.53
C ASN C 282 -17.82 11.76 2.02
N LEU C 283 -18.62 11.79 3.08
CA LEU C 283 -19.10 13.04 3.66
C LEU C 283 -17.95 13.86 4.21
N PRO C 284 -18.07 15.20 4.13
CA PRO C 284 -16.99 16.09 4.57
C PRO C 284 -16.86 16.17 6.09
N PHE C 285 -17.93 15.87 6.82
CA PHE C 285 -17.89 15.98 8.27
C PHE C 285 -18.43 14.75 8.97
N GLN C 286 -18.19 14.67 10.28
CA GLN C 286 -18.64 13.56 11.10
C GLN C 286 -18.84 14.00 12.54
N ASN C 287 -19.75 13.32 13.25
CA ASN C 287 -20.06 13.67 14.64
C ASN C 287 -19.87 12.47 15.56
N ILE C 288 -19.01 11.53 15.15
CA ILE C 288 -18.81 10.31 15.91
C ILE C 288 -17.77 10.47 17.00
N ASP C 289 -16.58 10.93 16.64
CA ASP C 289 -15.51 11.10 17.62
C ASP C 289 -14.49 12.14 17.16
N SER C 290 -14.19 13.09 18.03
CA SER C 290 -13.31 14.20 17.70
C SER C 290 -11.84 13.78 17.66
N ARG C 291 -11.55 12.64 18.27
CA ARG C 291 -10.18 12.15 18.35
C ARG C 291 -9.95 11.05 17.33
N ALA C 292 -10.85 10.98 16.35
CA ALA C 292 -10.70 10.03 15.25
C ALA C 292 -9.38 10.29 14.53
N VAL C 293 -8.75 9.23 14.05
CA VAL C 293 -7.43 9.35 13.44
C VAL C 293 -7.35 8.64 12.09
N GLY C 294 -6.37 9.05 11.29
CA GLY C 294 -6.23 8.55 9.94
C GLY C 294 -6.66 9.60 8.94
N LYS C 295 -7.26 9.17 7.84
CA LYS C 295 -7.79 10.11 6.86
C LYS C 295 -9.30 10.20 7.06
N CYS C 296 -9.73 11.24 7.76
CA CYS C 296 -11.09 11.34 8.24
C CYS C 296 -11.77 12.62 7.80
N PRO C 297 -13.10 12.60 7.73
CA PRO C 297 -13.85 13.85 7.61
C PRO C 297 -13.70 14.65 8.89
N ARG C 298 -13.78 15.98 8.81
CA ARG C 298 -13.56 16.82 9.98
C ARG C 298 -14.67 16.60 11.00
N TYR C 299 -14.32 16.62 12.27
CA TYR C 299 -15.33 16.47 13.31
C TYR C 299 -16.07 17.78 13.52
N VAL C 300 -17.39 17.68 13.71
CA VAL C 300 -18.20 18.85 14.01
C VAL C 300 -19.14 18.51 15.18
N LYS C 301 -19.64 19.54 15.85
CA LYS C 301 -20.49 19.36 17.02
C LYS C 301 -21.90 18.90 16.64
N GLN C 302 -22.34 19.27 15.44
CA GLN C 302 -23.70 19.00 15.00
C GLN C 302 -23.86 17.54 14.58
N ARG C 303 -25.04 16.98 14.85
CA ARG C 303 -25.33 15.62 14.46
C ARG C 303 -25.85 15.55 13.03
N SER C 304 -26.32 16.69 12.52
CA SER C 304 -26.86 16.73 11.17
C SER C 304 -26.79 18.12 10.53
N LEU C 305 -26.33 18.15 9.29
CA LEU C 305 -26.35 19.35 8.46
C LEU C 305 -26.75 18.98 7.05
N LEU C 306 -28.02 19.23 6.72
CA LEU C 306 -28.59 18.80 5.45
C LEU C 306 -28.23 19.75 4.30
N LEU C 307 -27.72 19.17 3.22
CA LEU C 307 -27.40 19.94 2.02
C LEU C 307 -28.49 19.77 0.97
N ALA C 308 -29.09 20.88 0.58
CA ALA C 308 -30.15 20.87 -0.42
C ALA C 308 -29.63 20.36 -1.76
N THR C 309 -30.29 19.34 -2.30
CA THR C 309 -29.95 18.80 -3.62
C THR C 309 -31.09 19.02 -4.60
N GLY C 310 -31.91 20.04 -4.32
CA GLY C 310 -33.05 20.36 -5.17
C GLY C 310 -33.54 21.78 -4.93
N MET C 311 -34.44 22.25 -5.78
CA MET C 311 -34.94 23.62 -5.68
C MET C 311 -35.86 23.77 -4.48
N LYS C 312 -36.23 25.01 -4.18
CA LYS C 312 -37.17 25.29 -3.11
C LYS C 312 -38.51 24.63 -3.42
N ASN C 313 -39.05 23.90 -2.46
CA ASN C 313 -40.30 23.18 -2.69
C ASN C 313 -41.50 24.08 -2.44
N VAL C 314 -42.35 24.21 -3.45
CA VAL C 314 -43.56 25.02 -3.35
C VAL C 314 -44.75 24.16 -3.72
N PRO C 315 -45.62 23.87 -2.73
CA PRO C 315 -46.77 22.99 -2.95
C PRO C 315 -47.72 23.55 -4.00
N GLU C 316 -48.32 22.67 -4.79
CA GLU C 316 -49.24 23.07 -5.84
C GLU C 316 -50.57 23.50 -5.24
N ILE C 317 -51.12 24.60 -5.75
CA ILE C 317 -52.41 25.09 -5.30
C ILE C 317 -53.50 24.09 -5.65
N PRO C 318 -54.17 23.54 -4.62
CA PRO C 318 -55.17 22.48 -4.73
C PRO C 318 -56.23 22.75 -5.80
N GLY D 4 -60.90 26.32 -13.00
CA GLY D 4 -60.45 25.27 -13.89
C GLY D 4 -59.39 25.74 -14.86
N ALA D 5 -58.69 26.82 -14.49
CA ALA D 5 -57.62 27.34 -15.31
C ALA D 5 -56.31 26.65 -14.96
N ILE D 6 -55.25 26.97 -15.70
CA ILE D 6 -53.92 26.46 -15.37
C ILE D 6 -53.02 27.63 -15.00
N ALA D 7 -51.95 27.34 -14.27
CA ALA D 7 -51.08 28.39 -13.74
C ALA D 7 -49.62 27.99 -13.84
N GLY D 8 -48.73 28.98 -13.84
CA GLY D 8 -47.31 28.72 -13.98
C GLY D 8 -46.54 28.90 -12.68
N PHE D 9 -45.24 29.10 -12.81
CA PHE D 9 -44.34 29.10 -11.65
C PHE D 9 -44.53 30.27 -10.71
N ILE D 10 -45.04 31.39 -11.23
CA ILE D 10 -45.14 32.63 -10.46
C ILE D 10 -46.10 32.48 -9.26
N GLU D 11 -46.80 31.36 -9.15
CA GLU D 11 -47.64 31.14 -7.98
C GLU D 11 -47.87 29.68 -7.56
N ASN D 12 -47.00 28.78 -8.02
CA ASN D 12 -46.95 27.38 -7.53
C ASN D 12 -46.03 26.51 -8.35
N GLY D 13 -45.78 25.31 -7.83
CA GLY D 13 -45.05 24.28 -8.56
C GLY D 13 -46.05 23.25 -9.05
N TRP D 14 -45.54 22.21 -9.71
CA TRP D 14 -46.40 21.17 -10.25
C TRP D 14 -46.06 19.81 -9.66
N GLU D 15 -46.92 19.32 -8.78
CA GLU D 15 -46.69 18.03 -8.13
C GLU D 15 -46.97 16.88 -9.08
N GLY D 16 -47.46 17.22 -10.27
CA GLY D 16 -47.72 16.22 -11.31
C GLY D 16 -46.54 16.13 -12.25
N LEU D 17 -45.70 17.16 -12.23
CA LEU D 17 -44.47 17.17 -13.03
C LEU D 17 -43.45 16.21 -12.41
N ILE D 18 -43.57 14.93 -12.76
CA ILE D 18 -42.76 13.89 -12.13
C ILE D 18 -41.68 13.31 -13.05
N ASP D 19 -41.53 13.88 -14.24
CA ASP D 19 -40.52 13.41 -15.20
C ASP D 19 -39.52 14.50 -15.54
N GLY D 20 -39.37 15.48 -14.64
CA GLY D 20 -38.44 16.57 -14.85
C GLY D 20 -38.56 17.68 -13.82
N TRP D 21 -37.56 18.55 -13.75
CA TRP D 21 -37.56 19.64 -12.80
C TRP D 21 -38.36 20.83 -13.33
N TYR D 22 -38.19 21.11 -14.62
CA TYR D 22 -38.91 22.20 -15.28
C TYR D 22 -39.72 21.61 -16.43
N GLY D 23 -40.79 22.29 -16.81
CA GLY D 23 -41.64 21.78 -17.88
C GLY D 23 -42.68 22.74 -18.43
N PHE D 24 -43.50 22.22 -19.34
CA PHE D 24 -44.55 23.00 -19.98
C PHE D 24 -45.92 22.47 -19.61
N ARG D 25 -46.87 23.39 -19.46
CA ARG D 25 -48.27 23.00 -19.31
C ARG D 25 -49.13 23.86 -20.22
N HIS D 26 -49.86 23.20 -21.12
CA HIS D 26 -50.63 23.92 -22.12
C HIS D 26 -52.10 23.56 -22.01
N GLN D 27 -52.93 24.31 -22.72
CA GLN D 27 -54.32 23.91 -22.94
C GLN D 27 -54.84 24.51 -24.24
N ASN D 28 -55.53 23.67 -25.01
CA ASN D 28 -56.11 24.07 -26.28
C ASN D 28 -57.41 23.29 -26.52
N ALA D 29 -57.82 23.21 -27.78
CA ALA D 29 -59.00 22.43 -28.13
C ALA D 29 -58.81 20.95 -27.80
N GLN D 30 -57.57 20.49 -27.90
CA GLN D 30 -57.26 19.09 -27.63
C GLN D 30 -57.25 18.79 -26.14
N GLY D 31 -57.20 19.84 -25.32
CA GLY D 31 -57.24 19.67 -23.88
C GLY D 31 -55.96 20.09 -23.20
N GLU D 32 -55.81 19.68 -21.94
CA GLU D 32 -54.66 20.05 -21.12
C GLU D 32 -53.57 18.98 -21.20
N GLY D 33 -52.32 19.43 -21.15
CA GLY D 33 -51.18 18.52 -21.21
C GLY D 33 -49.98 19.07 -20.47
N THR D 34 -49.03 18.20 -20.15
CA THR D 34 -47.84 18.60 -19.40
C THR D 34 -46.61 17.78 -19.81
N ALA D 35 -45.56 18.47 -20.24
CA ALA D 35 -44.30 17.82 -20.60
C ALA D 35 -43.13 18.54 -19.95
N ALA D 36 -42.00 17.87 -19.81
CA ALA D 36 -40.82 18.46 -19.19
C ALA D 36 -39.79 18.95 -20.21
N ASP D 37 -39.09 20.02 -19.86
CA ASP D 37 -38.00 20.53 -20.67
C ASP D 37 -36.68 19.90 -20.24
N TYR D 38 -35.91 19.40 -21.21
CA TYR D 38 -34.69 18.68 -20.90
C TYR D 38 -33.54 19.60 -20.50
N LYS D 39 -33.29 20.61 -21.33
CA LYS D 39 -32.11 21.46 -21.18
C LYS D 39 -32.08 22.22 -19.85
N SER D 40 -33.23 22.70 -19.41
CA SER D 40 -33.32 23.43 -18.15
C SER D 40 -33.16 22.49 -16.96
N THR D 41 -33.82 21.33 -17.04
CA THR D 41 -33.73 20.32 -15.99
C THR D 41 -32.31 19.77 -15.87
N GLN D 42 -31.71 19.46 -17.00
CA GLN D 42 -30.36 18.88 -17.02
C GLN D 42 -29.34 19.87 -16.49
N SER D 43 -29.47 21.13 -16.87
CA SER D 43 -28.60 22.20 -16.39
C SER D 43 -28.60 22.27 -14.87
N ALA D 44 -29.79 22.26 -14.29
CA ALA D 44 -29.95 22.32 -12.84
C ALA D 44 -29.32 21.10 -12.16
N ILE D 45 -29.61 19.92 -12.67
CA ILE D 45 -29.07 18.68 -12.11
C ILE D 45 -27.55 18.62 -12.22
N ASP D 46 -27.00 19.09 -13.33
CA ASP D 46 -25.55 19.09 -13.53
C ASP D 46 -24.83 19.97 -12.50
N GLN D 47 -25.42 21.14 -12.20
CA GLN D 47 -24.81 22.06 -11.25
C GLN D 47 -24.86 21.50 -9.82
N ILE D 48 -25.99 20.89 -9.47
CA ILE D 48 -26.17 20.32 -8.14
C ILE D 48 -25.25 19.12 -7.95
N THR D 49 -25.17 18.26 -8.96
CA THR D 49 -24.26 17.11 -8.93
C THR D 49 -22.82 17.60 -8.88
N GLY D 50 -22.56 18.75 -9.50
CA GLY D 50 -21.25 19.37 -9.44
C GLY D 50 -20.85 19.76 -8.04
N LYS D 51 -21.81 20.29 -7.28
CA LYS D 51 -21.58 20.62 -5.88
C LYS D 51 -21.29 19.38 -5.05
N LEU D 52 -22.07 18.33 -5.29
CA LEU D 52 -21.95 17.08 -4.55
C LEU D 52 -20.56 16.48 -4.73
N ASN D 53 -20.10 16.44 -5.98
CA ASN D 53 -18.76 15.93 -6.28
C ASN D 53 -17.70 16.80 -5.63
N ARG D 54 -17.95 18.11 -5.60
CA ARG D 54 -17.01 19.08 -5.06
C ARG D 54 -16.82 18.92 -3.55
N LEU D 55 -17.72 18.18 -2.91
CA LEU D 55 -17.67 17.96 -1.47
C LEU D 55 -17.31 16.51 -1.16
N ILE D 56 -17.23 15.70 -2.21
CA ILE D 56 -16.89 14.29 -2.09
C ILE D 56 -15.38 14.10 -2.16
N GLU D 57 -14.73 15.02 -2.87
CA GLU D 57 -13.27 15.05 -3.01
C GLU D 57 -12.57 14.94 -1.65
N LYS D 58 -12.12 13.73 -1.33
CA LYS D 58 -11.53 13.46 -0.02
C LYS D 58 -10.18 14.15 0.19
N THR D 59 -9.81 14.28 1.46
CA THR D 59 -8.54 14.88 1.84
C THR D 59 -7.47 13.81 1.98
N ASN D 60 -6.24 14.15 1.61
CA ASN D 60 -5.13 13.21 1.68
C ASN D 60 -4.35 13.31 3.00
N GLN D 61 -4.79 14.20 3.88
CA GLN D 61 -4.14 14.38 5.16
C GLN D 61 -4.51 13.30 6.18
N GLN D 62 -3.52 12.56 6.64
CA GLN D 62 -3.71 11.57 7.69
C GLN D 62 -3.26 12.13 9.04
N PHE D 63 -4.06 11.88 10.07
CA PHE D 63 -3.76 12.36 11.42
C PHE D 63 -3.65 11.20 12.39
N GLU D 64 -2.68 11.29 13.30
CA GLU D 64 -2.46 10.24 14.30
C GLU D 64 -2.67 10.73 15.72
N LEU D 65 -2.71 9.79 16.65
CA LEU D 65 -2.92 10.04 18.07
C LEU D 65 -1.84 10.98 18.64
N ILE D 66 -2.25 11.98 19.41
CA ILE D 66 -1.31 12.79 20.16
C ILE D 66 -1.59 12.75 21.67
N ASP D 67 -2.70 12.11 22.04
CA ASP D 67 -2.99 11.86 23.44
C ASP D 67 -3.41 10.41 23.64
N ASN D 68 -3.94 10.11 24.83
CA ASN D 68 -4.20 8.73 25.20
C ASN D 68 -5.45 8.65 26.08
N GLU D 69 -6.35 7.73 25.73
CA GLU D 69 -7.58 7.57 26.50
C GLU D 69 -7.51 6.34 27.39
N PHE D 70 -6.31 5.77 27.49
CA PHE D 70 -6.03 4.71 28.45
C PHE D 70 -5.11 5.25 29.54
N ASN D 71 -3.96 5.79 29.12
CA ASN D 71 -3.06 6.46 30.04
C ASN D 71 -3.08 7.97 29.80
N GLU D 72 -3.92 8.67 30.55
CA GLU D 72 -4.08 10.11 30.38
C GLU D 72 -2.72 10.80 30.47
N VAL D 73 -2.47 11.71 29.54
CA VAL D 73 -1.17 12.38 29.48
C VAL D 73 -1.05 13.41 30.60
N GLU D 74 0.13 14.02 30.69
CA GLU D 74 0.39 15.04 31.71
C GLU D 74 -0.64 16.15 31.56
N LYS D 75 -1.12 16.67 32.70
CA LYS D 75 -2.24 17.62 32.71
C LYS D 75 -2.02 18.85 31.84
N GLN D 76 -0.88 19.51 32.02
CA GLN D 76 -0.61 20.76 31.31
C GLN D 76 -0.63 20.56 29.80
N ILE D 77 0.18 19.63 29.30
CA ILE D 77 0.22 19.35 27.87
C ILE D 77 -1.13 18.78 27.42
N GLY D 78 -1.84 18.14 28.34
CA GLY D 78 -3.15 17.58 28.04
C GLY D 78 -4.20 18.65 27.85
N ASN D 79 -4.23 19.62 28.75
CA ASN D 79 -5.15 20.74 28.66
C ASN D 79 -4.85 21.60 27.43
N VAL D 80 -3.56 21.70 27.07
CA VAL D 80 -3.15 22.44 25.88
C VAL D 80 -3.70 21.74 24.63
N ILE D 81 -3.59 20.41 24.62
CA ILE D 81 -4.09 19.62 23.51
C ILE D 81 -5.60 19.77 23.33
N ASN D 82 -6.35 19.59 24.41
CA ASN D 82 -7.80 19.73 24.37
C ASN D 82 -8.21 21.15 23.98
N TRP D 83 -7.51 22.14 24.53
CA TRP D 83 -7.76 23.53 24.20
C TRP D 83 -7.55 23.80 22.71
N THR D 84 -6.52 23.19 22.14
CA THR D 84 -6.24 23.35 20.71
C THR D 84 -7.28 22.59 19.87
N ARG D 85 -7.57 21.35 20.25
CA ARG D 85 -8.52 20.53 19.49
C ARG D 85 -9.91 21.13 19.46
N ASP D 86 -10.40 21.56 20.61
CA ASP D 86 -11.74 22.13 20.70
C ASP D 86 -11.84 23.43 19.91
N SER D 87 -10.73 24.15 19.81
CA SER D 87 -10.69 25.39 19.04
C SER D 87 -10.89 25.11 17.55
N ILE D 88 -10.18 24.11 17.02
CA ILE D 88 -10.32 23.76 15.62
C ILE D 88 -11.66 23.06 15.38
N THR D 89 -12.18 22.39 16.41
CA THR D 89 -13.52 21.81 16.35
C THR D 89 -14.55 22.92 16.16
N GLU D 90 -14.34 24.02 16.87
CA GLU D 90 -15.18 25.21 16.72
C GLU D 90 -15.11 25.75 15.30
N VAL D 91 -13.91 25.73 14.72
CA VAL D 91 -13.68 26.25 13.39
C VAL D 91 -14.37 25.43 12.31
N TRP D 92 -14.22 24.11 12.38
CA TRP D 92 -14.85 23.23 11.39
C TRP D 92 -16.37 23.23 11.49
N SER D 93 -16.88 23.32 12.72
CA SER D 93 -18.33 23.40 12.93
C SER D 93 -18.88 24.68 12.31
N TYR D 94 -18.15 25.78 12.48
CA TYR D 94 -18.51 27.04 11.85
C TYR D 94 -18.46 26.89 10.33
N ASN D 95 -17.34 26.40 9.83
CA ASN D 95 -17.14 26.18 8.40
C ASN D 95 -18.23 25.31 7.79
N ALA D 96 -18.52 24.19 8.47
CA ALA D 96 -19.57 23.27 8.02
C ALA D 96 -20.91 23.99 7.94
N GLU D 97 -21.25 24.71 9.00
CA GLU D 97 -22.51 25.43 9.09
C GLU D 97 -22.66 26.47 8.00
N LEU D 98 -21.60 27.27 7.81
CA LEU D 98 -21.64 28.36 6.85
C LEU D 98 -21.61 27.86 5.40
N LEU D 99 -20.76 26.87 5.12
CA LEU D 99 -20.66 26.30 3.78
C LEU D 99 -22.01 25.81 3.27
N VAL D 100 -22.66 24.94 4.05
CA VAL D 100 -23.97 24.39 3.70
C VAL D 100 -25.00 25.51 3.54
N ALA D 101 -25.03 26.43 4.51
CA ALA D 101 -25.94 27.56 4.47
C ALA D 101 -25.72 28.40 3.22
N MET D 102 -24.46 28.56 2.84
CA MET D 102 -24.11 29.34 1.66
C MET D 102 -24.51 28.62 0.37
N GLU D 103 -24.18 27.32 0.30
CA GLU D 103 -24.49 26.53 -0.88
C GLU D 103 -25.99 26.41 -1.09
N ASN D 104 -26.72 26.23 0.01
CA ASN D 104 -28.18 26.16 -0.04
C ASN D 104 -28.79 27.46 -0.57
N GLN D 105 -28.24 28.60 -0.17
CA GLN D 105 -28.66 29.89 -0.71
C GLN D 105 -28.39 29.97 -2.21
N HIS D 106 -27.25 29.42 -2.62
CA HIS D 106 -26.86 29.45 -4.03
C HIS D 106 -27.68 28.47 -4.85
N THR D 107 -27.89 27.26 -4.32
CA THR D 107 -28.66 26.23 -5.00
C THR D 107 -30.08 26.71 -5.30
N ILE D 108 -30.70 27.32 -4.30
CA ILE D 108 -32.06 27.86 -4.45
C ILE D 108 -32.10 28.96 -5.50
N ASP D 109 -31.13 29.87 -5.45
CA ASP D 109 -31.08 31.00 -6.39
C ASP D 109 -30.84 30.54 -7.84
N LEU D 110 -29.92 29.61 -8.04
CA LEU D 110 -29.58 29.17 -9.39
C LEU D 110 -30.74 28.39 -10.00
N ALA D 111 -31.55 27.79 -9.14
CA ALA D 111 -32.74 27.08 -9.60
C ALA D 111 -33.77 28.10 -10.05
N ASP D 112 -33.88 29.18 -9.28
CA ASP D 112 -34.75 30.30 -9.64
C ASP D 112 -34.30 30.95 -10.95
N SER D 113 -32.98 30.99 -11.17
CA SER D 113 -32.44 31.55 -12.39
C SER D 113 -32.84 30.72 -13.60
N GLU D 114 -32.67 29.41 -13.50
CA GLU D 114 -33.03 28.48 -14.56
C GLU D 114 -34.50 28.62 -14.93
N MET D 115 -35.35 28.76 -13.91
CA MET D 115 -36.78 28.97 -14.11
C MET D 115 -37.05 30.24 -14.91
N ASP D 116 -36.41 31.33 -14.50
CA ASP D 116 -36.54 32.61 -15.20
C ASP D 116 -36.04 32.53 -16.65
N LYS D 117 -34.91 31.85 -16.85
CA LYS D 117 -34.32 31.72 -18.18
C LYS D 117 -35.23 30.93 -19.12
N LEU D 118 -35.92 29.95 -18.58
CA LEU D 118 -36.85 29.13 -19.35
C LEU D 118 -38.04 29.98 -19.79
N TYR D 119 -38.63 30.68 -18.82
CA TYR D 119 -39.75 31.59 -19.06
C TYR D 119 -39.40 32.67 -20.06
N GLU D 120 -38.23 33.28 -19.89
CA GLU D 120 -37.77 34.32 -20.79
C GLU D 120 -37.49 33.79 -22.20
N ARG D 121 -37.03 32.55 -22.28
CA ARG D 121 -36.73 31.93 -23.56
C ARG D 121 -37.99 31.81 -24.42
N VAL D 122 -39.03 31.22 -23.83
CA VAL D 122 -40.31 31.03 -24.49
C VAL D 122 -40.89 32.36 -24.98
N LYS D 123 -40.79 33.39 -24.15
CA LYS D 123 -41.27 34.72 -24.49
C LYS D 123 -40.64 35.25 -25.77
N ARG D 124 -39.33 35.07 -25.91
CA ARG D 124 -38.62 35.52 -27.11
C ARG D 124 -39.01 34.69 -28.33
N GLN D 125 -39.52 33.48 -28.10
CA GLN D 125 -40.00 32.63 -29.18
C GLN D 125 -41.33 33.15 -29.70
N LEU D 126 -42.22 33.47 -28.77
CA LEU D 126 -43.59 33.84 -29.12
C LEU D 126 -43.66 35.26 -29.69
N ARG D 127 -42.58 36.02 -29.54
CA ARG D 127 -42.48 37.36 -30.11
C ARG D 127 -43.67 38.24 -29.74
N GLU D 128 -44.43 38.63 -30.76
CA GLU D 128 -45.58 39.51 -30.59
C GLU D 128 -46.89 38.73 -30.68
N ASN D 129 -46.80 37.41 -30.55
CA ASN D 129 -47.95 36.53 -30.72
C ASN D 129 -48.61 36.10 -29.41
N ALA D 130 -48.10 36.58 -28.28
CA ALA D 130 -48.64 36.21 -26.98
C ALA D 130 -48.43 37.29 -25.92
N GLU D 131 -49.16 37.18 -24.82
CA GLU D 131 -49.04 38.11 -23.70
C GLU D 131 -48.94 37.38 -22.37
N GLU D 132 -48.18 37.96 -21.43
CA GLU D 132 -48.02 37.36 -20.12
C GLU D 132 -49.29 37.57 -19.29
N ASP D 133 -49.79 36.48 -18.71
CA ASP D 133 -51.05 36.51 -17.97
C ASP D 133 -50.87 36.83 -16.48
N GLY D 134 -49.62 36.90 -16.03
CA GLY D 134 -49.33 37.25 -14.65
C GLY D 134 -49.04 36.05 -13.76
N THR D 135 -49.48 34.87 -14.19
CA THR D 135 -49.26 33.66 -13.40
C THR D 135 -48.05 32.88 -13.90
N GLY D 136 -47.35 33.45 -14.89
CA GLY D 136 -46.21 32.78 -15.47
C GLY D 136 -46.57 32.05 -16.74
N CYS D 137 -47.76 32.34 -17.26
CA CYS D 137 -48.25 31.67 -18.45
C CYS D 137 -48.39 32.66 -19.60
N PHE D 138 -48.54 32.14 -20.81
CA PHE D 138 -48.71 32.98 -21.98
C PHE D 138 -50.03 32.71 -22.68
N GLU D 139 -50.87 33.74 -22.79
CA GLU D 139 -52.07 33.66 -23.58
C GLU D 139 -51.69 33.73 -25.05
N ILE D 140 -51.98 32.67 -25.80
CA ILE D 140 -51.64 32.63 -27.22
C ILE D 140 -52.80 33.13 -28.06
N PHE D 141 -52.54 34.17 -28.84
CA PHE D 141 -53.60 34.85 -29.58
C PHE D 141 -53.84 34.25 -30.96
N HIS D 142 -53.52 32.97 -31.10
CA HIS D 142 -53.89 32.21 -32.29
C HIS D 142 -54.18 30.77 -31.88
N LYS D 143 -54.56 29.94 -32.83
CA LYS D 143 -54.82 28.54 -32.52
C LYS D 143 -53.51 27.77 -32.49
N CYS D 144 -53.27 27.10 -31.37
CA CYS D 144 -52.07 26.30 -31.20
C CYS D 144 -52.45 24.88 -30.80
N ASP D 145 -52.53 23.99 -31.79
CA ASP D 145 -52.89 22.60 -31.54
C ASP D 145 -51.75 21.85 -30.85
N ASP D 146 -51.94 20.55 -30.65
CA ASP D 146 -50.92 19.72 -30.01
C ASP D 146 -49.61 19.78 -30.79
N ASP D 147 -49.72 19.81 -32.11
CA ASP D 147 -48.57 19.93 -32.99
C ASP D 147 -47.85 21.26 -32.78
N CYS D 148 -48.63 22.33 -32.70
CA CYS D 148 -48.09 23.67 -32.49
C CYS D 148 -47.45 23.81 -31.11
N MET D 149 -48.07 23.20 -30.11
CA MET D 149 -47.55 23.26 -28.74
C MET D 149 -46.22 22.54 -28.64
N ALA D 150 -46.09 21.44 -29.37
CA ALA D 150 -44.85 20.66 -29.39
C ALA D 150 -43.75 21.45 -30.09
N SER D 151 -44.14 22.28 -31.06
CA SER D 151 -43.18 23.08 -31.81
C SER D 151 -42.49 24.11 -30.92
N ILE D 152 -43.22 24.60 -29.92
CA ILE D 152 -42.68 25.56 -28.97
C ILE D 152 -41.68 24.89 -28.03
N ARG D 153 -42.03 23.69 -27.59
CA ARG D 153 -41.24 22.95 -26.61
C ARG D 153 -39.87 22.53 -27.14
N ASN D 154 -39.77 22.30 -28.44
CA ASN D 154 -38.51 21.90 -29.05
C ASN D 154 -37.90 23.01 -29.89
N ASN D 155 -38.37 24.23 -29.66
CA ASN D 155 -37.82 25.43 -30.29
C ASN D 155 -37.89 25.39 -31.81
N THR D 156 -39.00 24.88 -32.33
CA THR D 156 -39.19 24.82 -33.78
C THR D 156 -40.36 25.70 -34.20
N TYR D 157 -40.88 26.48 -33.25
CA TYR D 157 -41.96 27.42 -33.49
C TYR D 157 -41.48 28.64 -34.29
N ASP D 158 -42.15 28.91 -35.41
CA ASP D 158 -41.85 30.10 -36.21
C ASP D 158 -42.97 31.14 -36.07
N HIS D 159 -42.68 32.22 -35.34
CA HIS D 159 -43.68 33.26 -35.09
C HIS D 159 -44.16 33.93 -36.38
N SER D 160 -43.37 33.78 -37.44
CA SER D 160 -43.71 34.35 -38.74
C SER D 160 -45.00 33.75 -39.28
N LYS D 161 -45.25 32.50 -38.91
CA LYS D 161 -46.39 31.75 -39.41
C LYS D 161 -47.72 32.25 -38.83
N TYR D 162 -47.69 32.77 -37.61
CA TYR D 162 -48.92 33.13 -36.91
C TYR D 162 -49.05 34.63 -36.61
N ARG D 163 -48.07 35.42 -37.06
CA ARG D 163 -48.00 36.83 -36.66
C ARG D 163 -49.21 37.64 -37.11
N GLU D 164 -49.68 37.40 -38.34
CA GLU D 164 -50.86 38.08 -38.84
C GLU D 164 -52.08 37.77 -37.99
N GLU D 165 -52.35 36.48 -37.83
CA GLU D 165 -53.48 35.99 -37.05
C GLU D 165 -53.41 36.47 -35.60
N ALA D 166 -52.21 36.48 -35.05
CA ALA D 166 -52.01 36.88 -33.65
C ALA D 166 -52.20 38.38 -33.45
N MET D 167 -51.50 39.17 -34.25
CA MET D 167 -51.56 40.63 -34.13
C MET D 167 -52.98 41.16 -34.34
N GLN D 168 -53.74 40.48 -35.19
CA GLN D 168 -55.13 40.83 -35.42
C GLN D 168 -55.97 40.68 -34.17
N ASN D 169 -55.78 39.58 -33.46
CA ASN D 169 -56.58 39.27 -32.29
C ASN D 169 -56.23 40.13 -31.08
N ARG D 170 -54.96 40.50 -30.96
CA ARG D 170 -54.51 41.34 -29.86
C ARG D 170 -55.09 42.75 -29.94
N ILE D 171 -55.41 43.18 -31.15
CA ILE D 171 -56.01 44.49 -31.37
C ILE D 171 -57.46 44.36 -31.81
N GLN D 172 -58.38 44.62 -30.88
CA GLN D 172 -59.82 44.43 -31.10
C GLN D 172 -60.14 43.01 -31.57
#